data_7WJE
#
_entry.id   7WJE
#
_cell.length_a   151.751
_cell.length_b   151.751
_cell.length_c   177.656
_cell.angle_alpha   90.000
_cell.angle_beta   90.000
_cell.angle_gamma   120.000
#
_symmetry.space_group_name_H-M   'P 63 2 2'
#
loop_
_entity.id
_entity.type
_entity.pdbx_description
1 polymer Alpha-xylosidase
2 branched alpha-D-glucopyranose-(1-3)-alpha-D-glucopyranose-(1-3)-alpha-D-glucopyranose-(1-3)-alpha-D-glucopyranose
3 non-polymer 1,2-ETHANEDIOL
4 water water
#
_entity_poly.entity_id   1
_entity_poly.type   'polypeptide(L)'
_entity_poly.pdbx_seq_one_letter_code
;MGSSHHHHHHSSGLVPRGSHMVSELESKYMNNNIIKFDKARFTVLTEHLIRIEYSETGEFEERMTQMVQNREFSEVNFDI
IEKEETIEIITSTVHLYYNGGEFTNASLFADVKFNFSVYSNRWYFGEKSDGNLKGTTRTLDMIDGECPLEDGIMSKNGFA
VLADKGKVLTEVGDIAGNSVSTIDLYLFAYGRDYRQALKDFYQLTGNTPKLPRFALGNWWSRYYDYSDKSYLALMDKFTD
KKVPLSVSVIDMDWHKVSEVPSRFGSGWTGYSWNKKLFPNPENFIDELHQRKLKVTLNDHPADGIRAFEDPYPQVAQTLD
LNTELEEAAKFDFDNLKFRKAYFEEVHGPLEKEGVDFWWIDWQQGAISKSGVDPLWLLNHYQYQNAQKKHKNNIILSRYA
GPGSHRYPLGFSGASVISWASLDFQPYFTSTASNIGYTWWSHDIGGHMQGYKDAELSLRWLQFGVFSPINRLHSSKSEFT
SKEPWHFDAVIEQSMIDFLQLRHQLIPYLYSANLITASEGRALVEPLYYEYPMEEEAYQHRNQYLFGEQLMVAPITEKMN
SLLQMGSVEVWFPEGTWYDFFSGQPYDGKVSLKVYREITEMPVFAKAGAIIPLDKNPLKKEEIPSEIIWKIFPGADGEYL
LLEEDNETKAEFVNGIFTVTSKKESSRKHTIIYGEHEIVSAKRGEFSIDLNGKEENFDWNFSTALFRRLDIAEISYEQKD
EILQQLSLIEEHEKQVAFIKTNENQELQNSLFELLYSGK
;
_entity_poly.pdbx_strand_id   A
#
# COMPACT_ATOMS: atom_id res chain seq x y z
N ASN A 31 24.76 17.30 -23.77
CA ASN A 31 23.70 16.57 -24.53
C ASN A 31 22.91 17.58 -25.39
N ASN A 32 22.31 17.13 -26.51
CA ASN A 32 21.35 17.92 -27.34
C ASN A 32 20.06 18.15 -26.54
N ASN A 33 19.83 17.37 -25.48
CA ASN A 33 18.59 17.43 -24.65
C ASN A 33 18.84 18.40 -23.49
N ILE A 34 19.99 19.08 -23.47
CA ILE A 34 20.34 20.11 -22.46
C ILE A 34 20.41 21.47 -23.16
N ILE A 35 19.74 22.49 -22.61
CA ILE A 35 19.74 23.88 -23.14
C ILE A 35 20.04 24.83 -21.98
N LYS A 36 21.04 25.70 -22.15
CA LYS A 36 21.29 26.80 -21.19
C LYS A 36 20.78 28.09 -21.79
N PHE A 37 20.24 28.96 -20.94
CA PHE A 37 19.77 30.30 -21.35
C PHE A 37 19.85 31.16 -20.10
N ASP A 38 20.53 32.31 -20.18
CA ASP A 38 20.72 33.24 -19.03
C ASP A 38 21.32 32.38 -17.91
N LYS A 39 20.77 32.41 -16.70
CA LYS A 39 21.35 31.62 -15.58
C LYS A 39 20.56 30.31 -15.38
N ALA A 40 19.82 29.85 -16.40
CA ALA A 40 18.96 28.66 -16.31
C ALA A 40 19.52 27.50 -17.15
N ARG A 41 19.17 26.27 -16.76
CA ARG A 41 19.44 25.06 -17.55
C ARG A 41 18.17 24.22 -17.59
N PHE A 42 17.85 23.76 -18.79
CA PHE A 42 16.65 22.95 -19.15
C PHE A 42 17.17 21.63 -19.70
N THR A 43 16.68 20.52 -19.15
CA THR A 43 17.01 19.17 -19.61
C THR A 43 15.71 18.49 -20.03
N VAL A 44 15.58 18.19 -21.30
CA VAL A 44 14.37 17.50 -21.82
C VAL A 44 14.59 16.00 -21.61
N LEU A 45 14.07 15.46 -20.50
CA LEU A 45 14.33 14.05 -20.13
C LEU A 45 13.43 13.12 -20.94
N THR A 46 12.15 13.45 -21.05
CA THR A 46 11.18 12.81 -21.97
C THR A 46 10.43 13.94 -22.62
N GLU A 47 9.55 13.61 -23.58
CA GLU A 47 8.68 14.59 -24.27
C GLU A 47 7.78 15.29 -23.24
N HIS A 48 7.66 14.68 -22.06
CA HIS A 48 6.68 15.07 -21.02
C HIS A 48 7.36 15.37 -19.68
N LEU A 49 8.69 15.47 -19.63
CA LEU A 49 9.42 15.66 -18.36
C LEU A 49 10.64 16.55 -18.62
N ILE A 50 10.63 17.74 -18.03
CA ILE A 50 11.73 18.73 -18.20
C ILE A 50 12.26 19.13 -16.82
N ARG A 51 13.56 18.95 -16.62
CA ARG A 51 14.29 19.51 -15.45
C ARG A 51 14.57 20.99 -15.73
N ILE A 52 14.33 21.81 -14.71
CA ILE A 52 14.47 23.28 -14.81
C ILE A 52 15.40 23.68 -13.67
N GLU A 53 16.53 24.30 -13.97
CA GLU A 53 17.52 24.70 -12.95
C GLU A 53 17.85 26.18 -13.08
N TYR A 54 18.14 26.79 -11.93
CA TYR A 54 18.77 28.11 -11.81
C TYR A 54 20.08 27.95 -11.05
N SER A 55 21.12 28.64 -11.51
CA SER A 55 22.44 28.73 -10.81
C SER A 55 22.94 30.18 -10.90
N GLU A 56 23.20 30.80 -9.76
CA GLU A 56 23.87 32.12 -9.65
C GLU A 56 25.33 32.00 -10.08
N THR A 57 25.96 30.83 -9.91
CA THR A 57 27.42 30.63 -10.09
C THR A 57 27.76 30.11 -11.50
N GLY A 58 26.77 29.83 -12.37
CA GLY A 58 27.01 29.23 -13.69
C GLY A 58 27.32 27.73 -13.63
N GLU A 59 27.43 27.16 -12.44
CA GLU A 59 27.62 25.71 -12.23
C GLU A 59 26.25 25.07 -11.93
N PHE A 60 25.92 23.97 -12.61
CA PHE A 60 24.64 23.20 -12.48
C PHE A 60 24.96 21.82 -11.90
N GLU A 61 23.98 21.23 -11.19
CA GLU A 61 24.19 20.06 -10.32
C GLU A 61 24.02 18.77 -11.11
N GLU A 62 25.06 17.94 -11.15
CA GLU A 62 25.03 16.60 -11.77
C GLU A 62 24.86 15.50 -10.73
N ARG A 63 25.14 15.78 -9.46
CA ARG A 63 25.08 14.75 -8.40
C ARG A 63 23.62 14.31 -8.19
N MET A 64 23.44 13.07 -7.74
CA MET A 64 22.15 12.56 -7.21
C MET A 64 21.74 13.45 -6.03
N THR A 65 20.45 13.47 -5.71
CA THR A 65 19.89 14.15 -4.51
C THR A 65 19.14 13.11 -3.67
N GLN A 66 18.62 13.52 -2.52
CA GLN A 66 17.77 12.62 -1.70
C GLN A 66 16.65 12.06 -2.60
N MET A 67 16.10 12.88 -3.49
CA MET A 67 14.96 12.47 -4.33
C MET A 67 15.43 11.75 -5.58
N VAL A 68 16.41 12.33 -6.27
CA VAL A 68 16.73 11.94 -7.68
C VAL A 68 17.94 11.03 -7.70
N GLN A 69 17.81 9.85 -8.31
CA GLN A 69 18.90 8.83 -8.39
C GLN A 69 19.42 8.68 -9.81
N ASN A 70 18.73 9.16 -10.83
CA ASN A 70 19.14 8.86 -12.22
C ASN A 70 18.60 9.94 -13.16
N ARG A 71 19.47 10.62 -13.92
CA ARG A 71 18.99 11.57 -14.96
C ARG A 71 19.36 11.07 -16.35
N GLU A 72 19.68 9.78 -16.51
CA GLU A 72 19.96 9.14 -17.82
C GLU A 72 18.65 8.68 -18.42
N PHE A 73 18.24 9.33 -19.50
CA PHE A 73 17.01 9.04 -20.26
C PHE A 73 17.38 9.01 -21.75
N SER A 74 16.69 8.19 -22.53
CA SER A 74 16.85 8.09 -24.01
C SER A 74 16.58 9.46 -24.64
N GLU A 75 17.23 9.73 -25.77
CA GLU A 75 17.16 11.03 -26.48
C GLU A 75 15.71 11.23 -26.94
N VAL A 76 15.20 12.45 -26.92
CA VAL A 76 13.86 12.71 -27.49
C VAL A 76 13.94 13.91 -28.40
N ASN A 77 12.95 14.01 -29.26
CA ASN A 77 12.79 15.15 -30.18
C ASN A 77 12.02 16.24 -29.46
N PHE A 78 12.39 17.48 -29.76
CA PHE A 78 11.64 18.67 -29.33
C PHE A 78 12.12 19.82 -30.20
N ASP A 79 11.46 20.97 -30.09
CA ASP A 79 11.79 22.19 -30.86
C ASP A 79 12.12 23.34 -29.89
N ILE A 80 12.94 24.29 -30.35
CA ILE A 80 13.34 25.47 -29.55
C ILE A 80 13.07 26.70 -30.40
N ILE A 81 12.50 27.74 -29.81
CA ILE A 81 12.51 29.12 -30.35
C ILE A 81 13.36 29.94 -29.39
N GLU A 82 14.61 30.26 -29.78
CA GLU A 82 15.56 31.02 -28.94
C GLU A 82 15.71 32.39 -29.59
N LYS A 83 15.48 33.45 -28.83
CA LYS A 83 15.65 34.86 -29.27
C LYS A 83 16.69 35.50 -28.37
N GLU A 84 16.89 36.81 -28.48
CA GLU A 84 17.91 37.54 -27.69
C GLU A 84 17.54 37.38 -26.20
N GLU A 85 16.25 37.55 -25.89
CA GLU A 85 15.77 37.84 -24.51
C GLU A 85 14.84 36.74 -23.98
N THR A 86 14.45 35.78 -24.81
CA THR A 86 13.41 34.76 -24.45
C THR A 86 13.80 33.42 -25.05
N ILE A 87 13.32 32.33 -24.46
CA ILE A 87 13.45 30.98 -25.03
C ILE A 87 12.12 30.24 -24.80
N GLU A 88 11.72 29.44 -25.77
CA GLU A 88 10.53 28.56 -25.71
C GLU A 88 11.00 27.16 -26.04
N ILE A 89 10.68 26.19 -25.19
CA ILE A 89 10.94 24.76 -25.48
C ILE A 89 9.58 24.13 -25.79
N ILE A 90 9.49 23.39 -26.91
CA ILE A 90 8.21 22.81 -27.42
C ILE A 90 8.35 21.30 -27.52
N THR A 91 7.55 20.57 -26.76
CA THR A 91 7.46 19.10 -26.88
C THR A 91 6.08 18.77 -27.42
N SER A 92 5.81 17.49 -27.60
CA SER A 92 4.48 16.98 -28.01
C SER A 92 3.40 17.50 -27.03
N THR A 93 3.72 17.75 -25.77
CA THR A 93 2.66 18.06 -24.76
C THR A 93 2.82 19.41 -24.06
N VAL A 94 3.95 20.12 -24.18
CA VAL A 94 4.13 21.38 -23.41
C VAL A 94 4.93 22.43 -24.19
N HIS A 95 4.58 23.69 -23.97
CA HIS A 95 5.39 24.88 -24.29
C HIS A 95 5.94 25.40 -22.97
N LEU A 96 7.26 25.33 -22.77
CA LEU A 96 7.92 25.94 -21.59
C LEU A 96 8.58 27.24 -22.02
N TYR A 97 8.24 28.33 -21.34
CA TYR A 97 8.73 29.69 -21.64
C TYR A 97 9.60 30.22 -20.51
N TYR A 98 10.71 30.86 -20.88
CA TYR A 98 11.60 31.56 -19.93
C TYR A 98 12.03 32.86 -20.59
N ASN A 99 11.72 33.98 -19.92
CA ASN A 99 11.91 35.36 -20.43
C ASN A 99 13.19 35.96 -19.83
N GLY A 100 14.02 35.15 -19.17
CA GLY A 100 15.29 35.56 -18.56
C GLY A 100 15.13 36.19 -17.19
N GLY A 101 16.25 36.43 -16.51
CA GLY A 101 16.30 36.97 -15.14
C GLY A 101 16.00 35.89 -14.11
N GLU A 102 15.78 36.31 -12.87
CA GLU A 102 15.37 35.41 -11.78
C GLU A 102 14.03 34.77 -12.16
N PHE A 103 13.85 33.53 -11.72
CA PHE A 103 12.59 32.77 -11.86
C PHE A 103 11.53 33.46 -11.00
N THR A 104 10.46 33.91 -11.66
CA THR A 104 9.24 34.46 -11.05
C THR A 104 8.05 33.85 -11.79
N ASN A 105 6.87 34.08 -11.25
CA ASN A 105 5.61 33.65 -11.90
C ASN A 105 5.47 34.31 -13.28
N ALA A 106 6.17 35.41 -13.54
CA ALA A 106 6.08 36.16 -14.83
C ALA A 106 7.19 35.70 -15.80
N SER A 107 8.36 35.27 -15.30
CA SER A 107 9.56 34.97 -16.14
C SER A 107 9.60 33.50 -16.56
N LEU A 108 8.94 32.61 -15.80
CA LEU A 108 9.03 31.14 -16.04
C LEU A 108 7.62 30.53 -15.92
N PHE A 109 7.13 29.96 -17.01
CA PHE A 109 5.72 29.49 -17.08
C PHE A 109 5.59 28.56 -18.29
N ALA A 110 4.49 27.81 -18.36
CA ALA A 110 4.32 26.76 -19.38
C ALA A 110 2.84 26.59 -19.71
N ASP A 111 2.53 26.38 -20.99
CA ASP A 111 1.20 26.01 -21.51
C ASP A 111 1.19 24.54 -21.93
N VAL A 112 0.28 23.73 -21.40
CA VAL A 112 0.19 22.33 -21.89
C VAL A 112 -0.63 22.32 -23.18
N LYS A 113 -0.34 21.35 -24.04
CA LYS A 113 -1.02 21.13 -25.35
C LYS A 113 -2.18 20.14 -25.14
N PHE A 114 -3.04 20.46 -24.19
CA PHE A 114 -4.22 19.65 -23.82
C PHE A 114 -5.38 20.60 -23.60
N ASN A 115 -6.60 20.06 -23.60
CA ASN A 115 -7.81 20.88 -23.35
C ASN A 115 -8.60 20.24 -22.21
N PHE A 116 -7.94 19.69 -21.18
CA PHE A 116 -8.66 19.09 -20.02
C PHE A 116 -9.43 20.16 -19.23
N SER A 117 -9.01 21.41 -19.30
CA SER A 117 -9.67 22.53 -18.61
C SER A 117 -9.85 23.68 -19.59
N VAL A 118 -10.64 24.68 -19.22
CA VAL A 118 -10.81 25.84 -20.13
C VAL A 118 -9.68 26.85 -19.87
N TYR A 119 -9.23 27.05 -18.64
CA TYR A 119 -8.16 28.07 -18.43
C TYR A 119 -7.28 27.72 -17.22
N SER A 120 -7.06 26.42 -16.99
CA SER A 120 -6.13 25.89 -15.96
C SER A 120 -5.02 25.09 -16.67
N ASN A 121 -4.64 25.51 -17.89
CA ASN A 121 -3.66 24.78 -18.72
C ASN A 121 -2.31 25.47 -18.64
N ARG A 122 -2.14 26.43 -17.72
CA ARG A 122 -0.85 27.16 -17.60
C ARG A 122 -0.24 26.96 -16.21
N TRP A 123 1.00 26.54 -16.18
CA TRP A 123 1.88 26.54 -14.99
C TRP A 123 2.60 27.88 -14.86
N TYR A 124 2.58 28.47 -13.66
CA TYR A 124 3.40 29.68 -13.34
C TYR A 124 4.36 29.28 -12.22
N PHE A 125 5.63 29.57 -12.39
CA PHE A 125 6.66 29.27 -11.38
C PHE A 125 6.18 29.80 -10.01
N GLY A 126 6.26 28.94 -9.00
CA GLY A 126 5.94 29.28 -7.61
C GLY A 126 4.45 29.41 -7.31
N GLU A 127 3.55 29.08 -8.23
CA GLU A 127 2.09 29.20 -8.01
C GLU A 127 1.48 27.80 -8.04
N LYS A 128 0.35 27.63 -7.35
CA LYS A 128 -0.44 26.37 -7.39
C LYS A 128 -1.47 26.50 -8.51
N SER A 129 -1.75 25.41 -9.22
CA SER A 129 -2.93 25.32 -10.11
C SER A 129 -3.88 24.23 -9.62
N ASP A 130 -5.11 24.25 -10.13
CA ASP A 130 -6.15 23.25 -9.83
C ASP A 130 -5.75 21.94 -10.50
N GLY A 131 -6.29 20.85 -10.01
CA GLY A 131 -6.30 19.58 -10.75
C GLY A 131 -5.47 18.50 -10.08
N ASN A 132 -4.56 18.86 -9.17
CA ASN A 132 -3.65 17.86 -8.59
C ASN A 132 -4.49 16.78 -7.88
N LEU A 133 -4.21 15.51 -8.16
CA LEU A 133 -4.94 14.35 -7.60
C LEU A 133 -4.34 13.92 -6.24
N LYS A 134 -3.35 14.64 -5.73
CA LYS A 134 -2.72 14.49 -4.39
C LYS A 134 -1.80 13.27 -4.36
N GLY A 135 -1.07 13.10 -3.23
CA GLY A 135 -0.08 12.05 -3.05
C GLY A 135 -0.27 11.41 -1.70
N THR A 136 0.61 11.75 -0.76
CA THR A 136 0.57 11.17 0.59
C THR A 136 1.14 12.16 1.59
N THR A 137 1.33 11.70 2.81
CA THR A 137 1.86 12.52 3.90
C THR A 137 2.66 11.61 4.82
N ARG A 138 3.42 12.20 5.72
CA ARG A 138 4.33 11.46 6.63
C ARG A 138 3.60 10.33 7.37
N THR A 139 2.42 10.61 7.91
CA THR A 139 1.86 9.74 8.96
C THR A 139 0.37 10.02 9.18
N LEU A 140 -0.32 9.04 9.77
CA LEU A 140 -1.70 9.17 10.25
C LEU A 140 -1.67 9.24 11.78
N ASP A 141 -0.49 9.42 12.38
CA ASP A 141 -0.43 9.64 13.85
C ASP A 141 -1.48 10.66 14.30
N MET A 142 -2.33 10.25 15.26
CA MET A 142 -3.31 11.14 15.96
C MET A 142 -4.43 11.58 15.03
N ILE A 143 -4.55 10.98 13.84
CA ILE A 143 -5.57 11.40 12.84
C ILE A 143 -6.82 10.54 12.99
N ASP A 144 -7.93 11.23 13.24
CA ASP A 144 -9.29 10.64 13.31
C ASP A 144 -9.98 11.04 12.00
N GLY A 145 -9.99 10.14 11.04
CA GLY A 145 -10.58 10.34 9.72
C GLY A 145 -9.57 10.98 8.78
N GLU A 146 -9.97 12.08 8.13
CA GLU A 146 -9.21 12.66 7.00
C GLU A 146 -8.11 13.57 7.53
N CYS A 147 -7.00 13.63 6.81
CA CYS A 147 -6.06 14.76 6.96
C CYS A 147 -5.62 15.28 5.61
N PRO A 148 -5.02 16.49 5.54
CA PRO A 148 -4.53 16.97 4.25
C PRO A 148 -3.37 16.10 3.74
N LEU A 149 -3.31 15.96 2.43
CA LEU A 149 -2.18 15.28 1.75
C LEU A 149 -1.33 16.28 0.95
N GLU A 150 -0.08 15.91 0.71
CA GLU A 150 0.79 16.69 -0.21
C GLU A 150 0.35 16.39 -1.63
N ASP A 151 0.74 17.26 -2.55
CA ASP A 151 0.51 17.02 -3.99
C ASP A 151 1.32 15.80 -4.43
N GLY A 152 0.85 15.15 -5.48
CA GLY A 152 1.63 14.14 -6.22
C GLY A 152 2.00 14.67 -7.60
N ILE A 153 2.36 13.78 -8.51
CA ILE A 153 2.81 14.14 -9.88
C ILE A 153 1.63 14.01 -10.83
N MET A 154 0.46 13.57 -10.33
CA MET A 154 -0.72 13.36 -11.20
C MET A 154 -1.69 14.55 -11.10
N SER A 155 -2.19 15.02 -12.24
CA SER A 155 -3.19 16.09 -12.31
C SER A 155 -4.21 15.79 -13.40
N LYS A 156 -5.49 16.04 -13.10
CA LYS A 156 -6.57 15.93 -14.10
C LYS A 156 -6.33 16.92 -15.24
N ASN A 157 -5.61 18.02 -14.98
CA ASN A 157 -5.35 19.04 -16.05
C ASN A 157 -4.06 18.73 -16.81
N GLY A 158 -3.30 17.71 -16.42
CA GLY A 158 -2.22 17.09 -17.23
C GLY A 158 -0.81 17.57 -16.90
N PHE A 159 -0.59 18.40 -15.88
CA PHE A 159 0.78 18.81 -15.48
C PHE A 159 0.91 18.93 -13.98
N ALA A 160 2.14 18.74 -13.54
CA ALA A 160 2.53 18.84 -12.12
C ALA A 160 4.00 19.23 -12.06
N VAL A 161 4.40 19.98 -11.05
CA VAL A 161 5.82 20.33 -10.85
C VAL A 161 6.26 19.70 -9.54
N LEU A 162 7.37 19.01 -9.60
CA LEU A 162 7.99 18.35 -8.43
C LEU A 162 9.30 19.08 -8.13
N ALA A 163 9.33 19.88 -7.07
CA ALA A 163 10.50 20.69 -6.67
C ALA A 163 11.50 19.76 -5.98
N ASP A 164 12.76 19.83 -6.38
CA ASP A 164 13.83 19.06 -5.69
C ASP A 164 14.51 20.00 -4.69
N LYS A 165 14.13 19.94 -3.43
CA LYS A 165 14.68 20.87 -2.39
C LYS A 165 15.70 20.14 -1.52
N GLY A 166 16.07 18.93 -1.90
CA GLY A 166 16.93 18.09 -1.07
C GLY A 166 18.39 18.43 -1.19
N LYS A 167 19.18 17.82 -0.32
CA LYS A 167 20.66 17.83 -0.35
C LYS A 167 21.15 16.92 -1.45
N VAL A 168 22.37 17.19 -1.92
CA VAL A 168 23.09 16.27 -2.85
C VAL A 168 23.67 15.10 -2.09
N LEU A 169 23.80 13.97 -2.78
CA LEU A 169 24.48 12.75 -2.27
C LEU A 169 25.87 12.61 -2.90
N THR A 170 26.74 11.87 -2.22
CA THR A 170 28.01 11.33 -2.79
C THR A 170 27.67 10.09 -3.62
N GLU A 171 28.64 9.60 -4.39
CA GLU A 171 28.46 8.41 -5.26
C GLU A 171 27.98 7.21 -4.44
N VAL A 172 28.41 7.08 -3.18
CA VAL A 172 28.09 5.91 -2.29
C VAL A 172 26.80 6.19 -1.49
N GLY A 173 26.30 7.43 -1.49
CA GLY A 173 24.94 7.77 -1.00
C GLY A 173 24.94 8.45 0.35
N ASP A 174 26.01 9.13 0.75
CA ASP A 174 26.03 10.00 1.95
C ASP A 174 25.64 11.41 1.53
N ILE A 175 25.16 12.21 2.48
CA ILE A 175 24.78 13.63 2.27
C ILE A 175 26.07 14.40 1.99
N ALA A 176 26.08 15.23 0.95
CA ALA A 176 27.27 15.97 0.50
C ALA A 176 27.07 17.48 0.70
N GLY A 177 25.86 17.93 1.04
CA GLY A 177 25.56 19.34 1.32
C GLY A 177 24.60 19.91 0.29
N ASN A 178 24.70 21.21 0.04
CA ASN A 178 23.75 21.98 -0.80
C ASN A 178 24.04 21.76 -2.29
N SER A 179 22.98 21.62 -3.09
CA SER A 179 23.07 21.60 -4.57
C SER A 179 23.64 22.93 -5.06
N VAL A 180 24.41 22.90 -6.14
CA VAL A 180 24.79 24.15 -6.87
C VAL A 180 23.63 24.63 -7.75
N SER A 181 22.62 23.79 -8.03
CA SER A 181 21.36 24.26 -8.67
C SER A 181 20.42 24.75 -7.57
N THR A 182 20.46 26.04 -7.26
CA THR A 182 19.76 26.58 -6.07
C THR A 182 18.25 26.51 -6.32
N ILE A 183 17.81 26.43 -7.57
CA ILE A 183 16.43 25.99 -7.92
C ILE A 183 16.56 24.79 -8.85
N ASP A 184 15.82 23.72 -8.55
CA ASP A 184 15.88 22.46 -9.33
C ASP A 184 14.47 21.87 -9.28
N LEU A 185 13.79 21.91 -10.42
CA LEU A 185 12.34 21.53 -10.55
C LEU A 185 12.22 20.48 -11.65
N TYR A 186 11.17 19.65 -11.58
CA TYR A 186 10.77 18.68 -12.61
C TYR A 186 9.34 19.01 -13.03
N LEU A 187 9.17 19.43 -14.29
CA LEU A 187 7.84 19.71 -14.87
C LEU A 187 7.38 18.42 -15.53
N PHE A 188 6.31 17.84 -14.98
CA PHE A 188 5.63 16.65 -15.55
C PHE A 188 4.46 17.15 -16.39
N ALA A 189 4.39 16.77 -17.66
CA ALA A 189 3.34 17.20 -18.60
C ALA A 189 2.87 15.97 -19.35
N TYR A 190 2.50 14.94 -18.60
CA TYR A 190 2.03 13.62 -19.12
C TYR A 190 0.53 13.60 -19.47
N GLY A 191 -0.21 14.68 -19.27
CA GLY A 191 -1.66 14.70 -19.50
C GLY A 191 -2.35 13.76 -18.50
N ARG A 192 -3.10 12.76 -18.97
CA ARG A 192 -3.77 11.75 -18.09
C ARG A 192 -3.16 10.37 -18.36
N ASP A 193 -1.92 10.35 -18.84
CA ASP A 193 -1.16 9.08 -18.94
C ASP A 193 -0.46 8.88 -17.60
N TYR A 194 -1.23 8.54 -16.58
CA TYR A 194 -0.74 8.53 -15.18
C TYR A 194 0.29 7.42 -15.03
N ARG A 195 0.03 6.26 -15.61
CA ARG A 195 0.96 5.13 -15.44
C ARG A 195 2.33 5.50 -16.02
N GLN A 196 2.40 6.16 -17.18
CA GLN A 196 3.72 6.50 -17.79
C GLN A 196 4.43 7.55 -16.91
N ALA A 197 3.68 8.51 -16.38
CA ALA A 197 4.22 9.52 -15.44
C ALA A 197 4.88 8.79 -14.27
N LEU A 198 4.21 7.80 -13.68
CA LEU A 198 4.75 7.08 -12.51
C LEU A 198 6.00 6.28 -12.93
N LYS A 199 5.92 5.61 -14.07
CA LYS A 199 7.09 4.82 -14.56
C LYS A 199 8.31 5.73 -14.70
N ASP A 200 8.12 6.92 -15.26
CA ASP A 200 9.27 7.82 -15.53
C ASP A 200 9.72 8.45 -14.23
N PHE A 201 8.80 8.65 -13.28
CA PHE A 201 9.14 9.09 -11.89
C PHE A 201 10.11 8.07 -11.29
N TYR A 202 9.83 6.77 -11.46
CA TYR A 202 10.64 5.66 -10.90
C TYR A 202 12.00 5.66 -11.63
N GLN A 203 12.01 5.96 -12.92
CA GLN A 203 13.32 6.06 -13.66
C GLN A 203 14.15 7.19 -13.06
N LEU A 204 13.53 8.32 -12.71
CA LEU A 204 14.20 9.52 -12.14
C LEU A 204 14.63 9.25 -10.69
N THR A 205 13.75 8.66 -9.88
CA THR A 205 13.97 8.58 -8.41
C THR A 205 14.43 7.18 -8.01
N GLY A 206 14.52 6.25 -8.96
CA GLY A 206 14.89 4.85 -8.67
C GLY A 206 13.65 4.00 -8.48
N ASN A 207 13.69 2.76 -8.95
CA ASN A 207 12.51 1.87 -8.80
C ASN A 207 12.35 1.47 -7.34
N THR A 208 11.13 1.10 -6.96
CA THR A 208 10.93 0.43 -5.67
C THR A 208 11.73 -0.87 -5.67
N PRO A 209 12.43 -1.23 -4.61
CA PRO A 209 13.06 -2.56 -4.55
C PRO A 209 12.00 -3.64 -4.44
N LYS A 210 12.39 -4.88 -4.75
CA LYS A 210 11.53 -6.07 -4.53
C LYS A 210 11.38 -6.24 -3.02
N LEU A 211 10.16 -6.52 -2.57
CA LEU A 211 9.95 -7.03 -1.20
C LEU A 211 10.29 -8.52 -1.17
N PRO A 212 10.61 -9.02 0.04
CA PRO A 212 10.64 -10.46 0.30
C PRO A 212 9.22 -11.00 0.45
N ARG A 213 9.02 -12.26 0.10
CA ARG A 213 7.69 -12.89 0.16
C ARG A 213 7.13 -12.80 1.60
N PHE A 214 7.94 -12.89 2.65
CA PHE A 214 7.41 -12.92 4.04
C PHE A 214 6.64 -11.63 4.35
N ALA A 215 6.98 -10.51 3.73
CA ALA A 215 6.36 -9.21 4.03
C ALA A 215 4.86 -9.21 3.67
N LEU A 216 4.41 -10.13 2.80
CA LEU A 216 3.06 -10.08 2.21
C LEU A 216 2.07 -10.94 2.99
N GLY A 217 2.52 -11.63 4.01
CA GLY A 217 1.67 -12.46 4.87
C GLY A 217 1.09 -11.62 5.99
N ASN A 218 0.35 -12.24 6.91
CA ASN A 218 -0.20 -11.55 8.09
C ASN A 218 0.93 -11.23 9.08
N TRP A 219 0.89 -10.02 9.65
CA TRP A 219 1.79 -9.66 10.77
C TRP A 219 0.97 -9.60 12.06
N TRP A 220 1.54 -10.11 13.14
CA TRP A 220 0.97 -9.88 14.49
C TRP A 220 1.76 -8.79 15.19
N SER A 221 1.05 -7.82 15.77
CA SER A 221 1.67 -6.76 16.58
C SER A 221 0.67 -6.31 17.65
N ARG A 222 1.19 -5.97 18.82
CA ARG A 222 0.36 -5.36 19.89
C ARG A 222 1.30 -4.64 20.85
N TYR A 223 1.00 -3.40 21.21
CA TYR A 223 1.66 -2.59 22.25
C TYR A 223 1.20 -3.19 23.58
N TYR A 224 1.91 -4.24 24.00
CA TYR A 224 1.55 -5.07 25.18
C TYR A 224 2.82 -5.76 25.72
N ASP A 225 2.91 -5.88 27.05
CA ASP A 225 4.14 -6.32 27.74
C ASP A 225 4.14 -7.85 27.83
N TYR A 226 4.14 -8.51 26.68
CA TYR A 226 4.28 -9.99 26.61
C TYR A 226 5.56 -10.46 27.30
N SER A 227 5.55 -11.68 27.81
CA SER A 227 6.80 -12.43 28.12
C SER A 227 7.16 -13.27 26.90
N ASP A 228 8.37 -13.86 26.89
CA ASP A 228 8.73 -14.88 25.89
C ASP A 228 7.64 -15.95 25.90
N LYS A 229 7.24 -16.39 27.09
CA LYS A 229 6.29 -17.51 27.26
C LYS A 229 4.92 -17.11 26.69
N SER A 230 4.40 -15.93 27.02
CA SER A 230 3.02 -15.57 26.61
C SER A 230 2.99 -15.24 25.11
N TYR A 231 4.07 -14.65 24.58
CA TYR A 231 4.20 -14.40 23.12
C TYR A 231 4.18 -15.74 22.39
N LEU A 232 4.99 -16.74 22.79
CA LEU A 232 4.98 -18.04 22.06
C LEU A 232 3.63 -18.75 22.21
N ALA A 233 2.98 -18.68 23.38
CA ALA A 233 1.64 -19.25 23.60
C ALA A 233 0.65 -18.60 22.61
N LEU A 234 0.75 -17.29 22.41
CA LEU A 234 -0.14 -16.62 21.44
C LEU A 234 0.18 -17.10 20.03
N MET A 235 1.46 -17.20 19.66
CA MET A 235 1.78 -17.69 18.29
C MET A 235 1.22 -19.11 18.12
N ASP A 236 1.26 -19.95 19.15
CA ASP A 236 0.77 -21.36 19.05
C ASP A 236 -0.75 -21.34 19.03
N LYS A 237 -1.37 -20.35 19.68
CA LYS A 237 -2.85 -20.21 19.61
C LYS A 237 -3.28 -19.83 18.18
N PHE A 238 -2.55 -18.95 17.50
CA PHE A 238 -2.82 -18.62 16.07
C PHE A 238 -2.81 -19.92 15.27
N THR A 239 -1.78 -20.74 15.45
CA THR A 239 -1.70 -22.05 14.73
C THR A 239 -2.95 -22.90 15.04
N ASP A 240 -3.28 -23.06 16.32
CA ASP A 240 -4.43 -23.88 16.76
C ASP A 240 -5.73 -23.34 16.10
N LYS A 241 -5.81 -22.01 15.95
CA LYS A 241 -7.01 -21.32 15.43
C LYS A 241 -7.02 -21.25 13.90
N LYS A 242 -6.01 -21.80 13.22
CA LYS A 242 -5.95 -21.87 11.73
C LYS A 242 -5.76 -20.46 11.16
N VAL A 243 -5.00 -19.63 11.84
CA VAL A 243 -4.64 -18.28 11.36
C VAL A 243 -3.16 -18.30 11.01
N PRO A 244 -2.82 -18.17 9.72
CA PRO A 244 -1.41 -18.07 9.31
C PRO A 244 -0.80 -16.69 9.60
N LEU A 245 0.46 -16.69 10.00
CA LEU A 245 1.29 -15.47 10.22
C LEU A 245 2.62 -15.64 9.50
N SER A 246 3.17 -14.54 9.01
CA SER A 246 4.53 -14.44 8.43
C SER A 246 5.44 -13.69 9.37
N VAL A 247 4.92 -12.68 10.11
CA VAL A 247 5.79 -11.76 10.89
C VAL A 247 5.27 -11.68 12.34
N SER A 248 6.21 -11.79 13.27
CA SER A 248 6.08 -11.52 14.73
C SER A 248 6.74 -10.19 15.02
N VAL A 249 5.93 -9.17 15.32
CA VAL A 249 6.41 -7.88 15.81
C VAL A 249 6.44 -7.93 17.34
N ILE A 250 7.52 -7.43 17.91
CA ILE A 250 7.64 -7.21 19.37
C ILE A 250 7.77 -5.70 19.59
N ASP A 251 6.75 -5.12 20.22
CA ASP A 251 6.73 -3.68 20.51
C ASP A 251 7.60 -3.35 21.74
N MET A 252 7.67 -2.05 22.02
CA MET A 252 8.68 -1.39 22.90
C MET A 252 8.83 -2.03 24.29
N ASP A 253 7.86 -2.77 24.80
CA ASP A 253 7.99 -3.45 26.13
C ASP A 253 9.01 -4.61 26.04
N TRP A 254 9.58 -4.88 24.87
CA TRP A 254 10.75 -5.80 24.75
C TRP A 254 11.92 -5.26 25.58
N HIS A 255 12.11 -3.94 25.63
CA HIS A 255 13.24 -3.30 26.35
C HIS A 255 12.79 -2.79 27.70
N LYS A 256 13.74 -2.33 28.51
CA LYS A 256 13.47 -1.67 29.80
C LYS A 256 12.53 -0.48 29.54
N VAL A 257 11.50 -0.36 30.36
CA VAL A 257 10.64 0.85 30.34
C VAL A 257 10.54 1.42 31.75
N SER A 258 9.68 0.85 32.60
CA SER A 258 9.52 1.38 33.98
C SER A 258 10.84 1.28 34.76
N GLU A 259 11.72 0.35 34.37
CA GLU A 259 13.02 0.09 35.07
C GLU A 259 14.07 1.16 34.77
N VAL A 260 13.78 2.12 33.91
CA VAL A 260 14.74 3.20 33.60
C VAL A 260 14.69 4.27 34.67
N PRO A 261 15.83 4.58 35.34
CA PRO A 261 15.84 5.64 36.34
C PRO A 261 15.42 6.95 35.66
N SER A 262 14.57 7.69 36.35
CA SER A 262 13.97 8.95 35.83
C SER A 262 15.04 10.00 35.53
N ARG A 263 16.23 9.96 36.17
CA ARG A 263 17.30 10.94 35.89
CA ARG A 263 17.34 10.90 35.90
C ARG A 263 17.78 10.81 34.43
N PHE A 264 17.50 9.68 33.78
CA PHE A 264 17.87 9.43 32.35
C PHE A 264 16.78 9.91 31.39
N GLY A 265 15.62 10.35 31.91
CA GLY A 265 14.44 10.63 31.08
C GLY A 265 13.53 9.43 31.05
N SER A 266 12.75 9.25 29.97
CA SER A 266 11.76 8.16 29.86
C SER A 266 12.41 6.84 29.40
N GLY A 267 11.58 5.80 29.39
CA GLY A 267 11.89 4.47 28.85
C GLY A 267 11.40 4.31 27.42
N TRP A 268 11.04 5.40 26.75
CA TRP A 268 10.49 5.31 25.37
C TRP A 268 11.53 4.70 24.40
N THR A 269 12.73 5.29 24.37
CA THR A 269 13.93 4.72 23.71
C THR A 269 14.50 3.60 24.56
N GLY A 270 14.82 2.48 23.95
CA GLY A 270 15.55 1.41 24.67
C GLY A 270 16.22 0.42 23.76
N TYR A 271 17.36 -0.12 24.20
CA TYR A 271 18.15 -1.10 23.42
C TYR A 271 18.53 -2.30 24.29
N SER A 272 17.96 -2.37 25.50
CA SER A 272 18.27 -3.38 26.55
C SER A 272 17.02 -4.23 26.82
N TRP A 273 17.09 -5.54 26.59
CA TRP A 273 15.99 -6.49 26.89
C TRP A 273 15.57 -6.34 28.35
N ASN A 274 14.27 -6.38 28.58
CA ASN A 274 13.69 -6.59 29.91
C ASN A 274 13.89 -8.08 30.22
N LYS A 275 14.82 -8.40 31.13
CA LYS A 275 15.25 -9.80 31.40
C LYS A 275 14.15 -10.58 32.15
N LYS A 276 13.24 -9.91 32.85
CA LYS A 276 12.10 -10.64 33.45
C LYS A 276 11.21 -11.21 32.34
N LEU A 277 10.94 -10.43 31.30
CA LEU A 277 10.04 -10.84 30.22
C LEU A 277 10.79 -11.72 29.22
N PHE A 278 12.06 -11.43 28.96
CA PHE A 278 12.89 -12.13 27.94
C PHE A 278 14.24 -12.48 28.56
N PRO A 279 14.27 -13.52 29.44
CA PRO A 279 15.52 -13.95 30.08
C PRO A 279 16.55 -14.58 29.14
N ASN A 280 16.12 -15.14 28.01
CA ASN A 280 17.01 -15.67 26.94
C ASN A 280 16.47 -15.24 25.58
N PRO A 281 16.81 -14.02 25.13
CA PRO A 281 16.29 -13.50 23.87
C PRO A 281 16.61 -14.36 22.64
N GLU A 282 17.85 -14.83 22.50
CA GLU A 282 18.22 -15.63 21.30
C GLU A 282 17.37 -16.90 21.26
N ASN A 283 17.16 -17.54 22.41
CA ASN A 283 16.32 -18.76 22.49
C ASN A 283 14.87 -18.43 22.04
N PHE A 284 14.34 -17.30 22.49
CA PHE A 284 12.96 -16.87 22.16
C PHE A 284 12.87 -16.62 20.66
N ILE A 285 13.82 -15.88 20.10
CA ILE A 285 13.83 -15.60 18.64
C ILE A 285 14.04 -16.92 17.88
N ASP A 286 14.86 -17.83 18.40
CA ASP A 286 15.01 -19.17 17.79
C ASP A 286 13.65 -19.86 17.72
N GLU A 287 12.83 -19.78 18.78
CA GLU A 287 11.47 -20.39 18.81
C GLU A 287 10.58 -19.78 17.74
N LEU A 288 10.66 -18.47 17.54
CA LEU A 288 9.84 -17.82 16.48
C LEU A 288 10.36 -18.28 15.12
N HIS A 289 11.68 -18.34 14.94
CA HIS A 289 12.27 -18.81 13.67
C HIS A 289 11.84 -20.25 13.40
N GLN A 290 11.73 -21.10 14.42
CA GLN A 290 11.32 -22.52 14.23
C GLN A 290 9.89 -22.54 13.74
N ARG A 291 9.07 -21.56 14.15
CA ARG A 291 7.67 -21.43 13.69
C ARG A 291 7.58 -20.71 12.33
N LYS A 292 8.72 -20.46 11.66
CA LYS A 292 8.81 -19.83 10.31
C LYS A 292 8.22 -18.39 10.38
N LEU A 293 8.57 -17.67 11.44
CA LEU A 293 8.24 -16.23 11.63
C LEU A 293 9.50 -15.42 11.48
N LYS A 294 9.37 -14.26 10.82
CA LYS A 294 10.38 -13.19 10.81
C LYS A 294 10.07 -12.27 12.00
N VAL A 295 11.10 -11.73 12.60
CA VAL A 295 11.02 -11.04 13.91
C VAL A 295 11.51 -9.60 13.73
N THR A 296 10.73 -8.63 14.19
CA THR A 296 11.15 -7.22 14.19
C THR A 296 10.88 -6.65 15.57
N LEU A 297 11.72 -5.72 16.00
CA LEU A 297 11.55 -5.02 17.29
C LEU A 297 11.27 -3.55 16.99
N ASN A 298 10.42 -2.95 17.81
CA ASN A 298 10.23 -1.49 17.86
C ASN A 298 11.53 -0.79 18.28
N ASP A 299 11.92 0.22 17.51
CA ASP A 299 13.02 1.13 17.85
C ASP A 299 12.53 2.56 17.82
N HIS A 300 12.52 3.16 18.99
CA HIS A 300 12.32 4.59 19.24
C HIS A 300 13.69 5.22 19.35
N PRO A 301 14.28 5.77 18.26
CA PRO A 301 15.70 6.17 18.35
C PRO A 301 16.03 7.46 19.08
N ALA A 302 15.05 8.31 19.39
CA ALA A 302 15.28 9.75 19.58
C ALA A 302 16.15 10.06 20.82
N ASP A 303 16.13 9.21 21.86
CA ASP A 303 16.92 9.49 23.08
C ASP A 303 18.30 8.78 23.04
N GLY A 304 18.67 8.22 21.89
CA GLY A 304 20.03 7.67 21.66
C GLY A 304 20.38 6.60 22.67
N ILE A 305 21.66 6.54 23.02
CA ILE A 305 22.18 5.45 23.89
C ILE A 305 22.68 6.08 25.18
N ARG A 306 21.89 5.91 26.22
CA ARG A 306 22.13 6.57 27.51
C ARG A 306 22.88 5.57 28.42
N ALA A 307 23.41 6.06 29.53
CA ALA A 307 24.47 5.34 30.30
C ALA A 307 23.92 4.06 30.95
N PHE A 308 22.60 3.91 31.14
CA PHE A 308 22.00 2.68 31.72
C PHE A 308 21.96 1.55 30.68
N GLU A 309 22.17 1.79 29.38
CA GLU A 309 21.87 0.75 28.36
C GLU A 309 22.96 -0.32 28.36
N ASP A 310 22.59 -1.56 28.03
CA ASP A 310 23.53 -2.70 27.89
C ASP A 310 24.64 -2.36 26.87
N PRO A 311 24.36 -1.84 25.64
CA PRO A 311 25.44 -1.45 24.73
C PRO A 311 26.20 -0.16 25.06
N TYR A 312 25.87 0.56 26.13
CA TYR A 312 26.49 1.88 26.37
C TYR A 312 28.00 1.76 26.53
N PRO A 313 28.55 0.81 27.31
CA PRO A 313 30.01 0.78 27.50
C PRO A 313 30.75 0.68 26.15
N GLN A 314 30.30 -0.16 25.23
CA GLN A 314 30.93 -0.28 23.89
C GLN A 314 30.77 1.05 23.13
N VAL A 315 29.55 1.61 23.06
CA VAL A 315 29.30 2.87 22.31
C VAL A 315 30.15 4.00 22.90
N ALA A 316 30.27 4.06 24.22
CA ALA A 316 31.00 5.13 24.92
C ALA A 316 32.49 5.07 24.51
N GLN A 317 33.04 3.87 24.42
CA GLN A 317 34.45 3.63 24.03
C GLN A 317 34.62 4.12 22.58
N THR A 318 33.79 3.63 21.68
CA THR A 318 33.81 4.03 20.24
C THR A 318 33.68 5.53 20.06
N LEU A 319 32.79 6.22 20.79
CA LEU A 319 32.50 7.66 20.55
C LEU A 319 33.22 8.56 21.56
N ASP A 320 34.12 8.01 22.38
CA ASP A 320 34.94 8.81 23.33
C ASP A 320 34.03 9.67 24.23
N LEU A 321 33.05 9.01 24.85
CA LEU A 321 32.13 9.67 25.80
C LEU A 321 32.77 9.65 27.20
N ASN A 322 32.42 10.66 27.97
CA ASN A 322 32.76 10.82 29.39
C ASN A 322 31.81 9.97 30.22
N THR A 323 32.22 8.74 30.52
CA THR A 323 31.38 7.75 31.24
C THR A 323 31.21 8.17 32.70
N GLU A 324 32.19 8.84 33.35
CA GLU A 324 31.99 9.18 34.79
C GLU A 324 30.95 10.30 34.89
N LEU A 325 30.73 11.09 33.82
CA LEU A 325 29.62 12.08 33.83
C LEU A 325 28.41 11.50 33.07
N GLU A 326 28.45 10.23 32.71
CA GLU A 326 27.33 9.44 32.10
C GLU A 326 26.86 10.16 30.82
N GLU A 327 27.79 10.69 30.05
CA GLU A 327 27.50 11.42 28.79
C GLU A 327 26.76 10.49 27.84
N ALA A 328 25.57 10.90 27.39
CA ALA A 328 24.76 10.11 26.45
C ALA A 328 25.35 10.21 25.05
N ALA A 329 25.26 9.13 24.29
CA ALA A 329 25.42 9.11 22.83
C ALA A 329 24.08 9.59 22.24
N LYS A 330 23.95 10.90 22.05
CA LYS A 330 22.65 11.48 21.63
C LYS A 330 22.43 11.07 20.17
N PHE A 331 21.18 10.91 19.79
CA PHE A 331 20.82 10.55 18.40
C PHE A 331 21.35 11.64 17.44
N ASP A 332 22.14 11.23 16.46
CA ASP A 332 22.76 12.16 15.49
C ASP A 332 23.05 11.38 14.22
N PHE A 333 22.06 11.23 13.35
CA PHE A 333 22.19 10.40 12.13
C PHE A 333 22.92 11.20 11.04
N ASP A 334 23.24 12.47 11.30
CA ASP A 334 24.16 13.26 10.42
C ASP A 334 25.60 12.77 10.63
N ASN A 335 25.88 12.14 11.77
CA ASN A 335 27.25 11.79 12.21
C ASN A 335 27.61 10.36 11.78
N LEU A 336 28.64 10.20 10.93
CA LEU A 336 29.05 8.88 10.41
C LEU A 336 29.40 7.97 11.61
N LYS A 337 30.08 8.48 12.63
CA LYS A 337 30.55 7.59 13.75
C LYS A 337 29.35 7.09 14.55
N PHE A 338 28.38 7.99 14.79
CA PHE A 338 27.12 7.63 15.48
C PHE A 338 26.40 6.55 14.68
N ARG A 339 26.26 6.70 13.36
CA ARG A 339 25.52 5.72 12.54
C ARG A 339 26.22 4.36 12.66
N LYS A 340 27.54 4.35 12.56
CA LYS A 340 28.28 3.08 12.60
C LYS A 340 28.05 2.41 13.96
N ALA A 341 28.14 3.15 15.06
CA ALA A 341 27.97 2.61 16.42
C ALA A 341 26.52 2.11 16.60
N TYR A 342 25.57 2.87 16.07
CA TYR A 342 24.14 2.46 16.06
C TYR A 342 23.96 1.13 15.32
N PHE A 343 24.43 0.98 14.08
CA PHE A 343 24.24 -0.27 13.30
C PHE A 343 25.04 -1.41 13.93
N GLU A 344 26.32 -1.16 14.27
CA GLU A 344 27.30 -2.24 14.63
C GLU A 344 27.21 -2.64 16.10
N GLU A 345 27.10 -1.67 17.00
CA GLU A 345 27.19 -1.90 18.46
C GLU A 345 25.83 -1.88 19.17
N VAL A 346 24.77 -1.33 18.54
CA VAL A 346 23.43 -1.26 19.20
C VAL A 346 22.52 -2.25 18.52
N HIS A 347 22.27 -2.09 17.21
CA HIS A 347 21.49 -3.06 16.43
C HIS A 347 22.24 -4.40 16.29
N GLY A 348 23.56 -4.36 16.08
CA GLY A 348 24.33 -5.59 15.75
C GLY A 348 24.09 -6.71 16.74
N PRO A 349 24.29 -6.50 18.05
CA PRO A 349 24.10 -7.56 19.04
C PRO A 349 22.68 -8.14 19.03
N LEU A 350 21.67 -7.30 18.74
CA LEU A 350 20.26 -7.73 18.70
C LEU A 350 20.02 -8.53 17.43
N GLU A 351 20.63 -8.13 16.31
CA GLU A 351 20.59 -8.94 15.05
C GLU A 351 21.24 -10.32 15.28
N LYS A 352 22.35 -10.34 16.03
CA LYS A 352 23.08 -11.60 16.37
C LYS A 352 22.17 -12.50 17.21
N GLU A 353 21.28 -11.92 18.04
CA GLU A 353 20.29 -12.72 18.82
C GLU A 353 19.13 -13.18 17.91
N GLY A 354 19.00 -12.63 16.71
CA GLY A 354 18.10 -13.14 15.67
C GLY A 354 17.11 -12.12 15.10
N VAL A 355 17.14 -10.88 15.54
CA VAL A 355 16.24 -9.82 14.97
C VAL A 355 16.49 -9.72 13.46
N ASP A 356 15.44 -9.88 12.65
CA ASP A 356 15.51 -9.96 11.17
C ASP A 356 15.49 -8.60 10.47
N PHE A 357 14.76 -7.63 11.02
CA PHE A 357 14.60 -6.29 10.40
C PHE A 357 14.07 -5.32 11.44
N TRP A 358 14.17 -4.02 11.17
CA TRP A 358 13.91 -2.94 12.15
C TRP A 358 12.61 -2.20 11.87
N TRP A 359 11.79 -2.08 12.92
CA TRP A 359 10.64 -1.15 12.97
C TRP A 359 11.12 0.17 13.52
N ILE A 360 11.43 1.10 12.63
CA ILE A 360 11.88 2.47 12.97
C ILE A 360 10.61 3.28 13.28
N ASP A 361 10.45 3.67 14.54
CA ASP A 361 9.21 4.33 15.01
C ASP A 361 9.55 5.74 15.46
N TRP A 362 9.80 6.62 14.51
CA TRP A 362 10.28 8.00 14.74
C TRP A 362 9.11 9.00 14.77
N GLN A 363 8.96 9.75 15.87
CA GLN A 363 7.88 10.74 16.02
C GLN A 363 8.40 12.03 16.60
N GLN A 364 9.71 12.29 16.59
CA GLN A 364 10.30 13.39 17.39
C GLN A 364 10.80 14.52 16.49
N GLY A 365 10.21 14.67 15.31
CA GLY A 365 10.33 15.94 14.56
C GLY A 365 11.29 15.82 13.39
N ALA A 366 11.60 16.97 12.80
CA ALA A 366 12.28 17.06 11.47
C ALA A 366 13.59 17.86 11.65
N ILE A 367 14.09 18.01 12.87
CA ILE A 367 15.25 18.91 13.16
C ILE A 367 16.57 18.12 13.08
N SER A 368 17.53 18.64 12.32
CA SER A 368 18.95 18.17 12.30
C SER A 368 19.85 19.36 11.90
N LYS A 369 21.14 19.26 12.22
CA LYS A 369 22.10 20.36 11.90
C LYS A 369 22.22 20.46 10.38
N SER A 370 22.21 19.33 9.67
CA SER A 370 22.33 19.28 8.18
C SER A 370 21.13 19.93 7.49
N GLY A 371 19.97 19.96 8.14
CA GLY A 371 18.70 20.31 7.47
C GLY A 371 18.03 19.11 6.82
N VAL A 372 18.61 17.94 6.91
CA VAL A 372 17.98 16.70 6.41
C VAL A 372 17.09 16.14 7.53
N ASP A 373 15.87 15.78 7.16
CA ASP A 373 14.90 15.20 8.12
C ASP A 373 15.51 13.93 8.72
N PRO A 374 15.62 13.82 10.07
CA PRO A 374 16.11 12.58 10.67
C PRO A 374 15.36 11.35 10.22
N LEU A 375 14.07 11.47 9.92
CA LEU A 375 13.31 10.29 9.44
C LEU A 375 13.89 9.83 8.09
N TRP A 376 14.25 10.75 7.21
CA TRP A 376 14.85 10.41 5.90
C TRP A 376 16.21 9.72 6.13
N LEU A 377 17.02 10.25 7.05
CA LEU A 377 18.37 9.68 7.33
C LEU A 377 18.19 8.26 7.86
N LEU A 378 17.25 8.05 8.78
CA LEU A 378 16.95 6.71 9.32
C LEU A 378 16.51 5.77 8.19
N ASN A 379 15.53 6.16 7.38
CA ASN A 379 14.99 5.22 6.37
C ASN A 379 16.08 4.88 5.35
N HIS A 380 16.80 5.88 4.88
CA HIS A 380 17.86 5.72 3.83
C HIS A 380 18.98 4.80 4.36
N TYR A 381 19.55 5.16 5.49
CA TYR A 381 20.70 4.39 6.04
C TYR A 381 20.26 3.03 6.61
N GLN A 382 19.12 2.95 7.29
CA GLN A 382 18.66 1.66 7.87
C GLN A 382 18.28 0.70 6.74
N TYR A 383 17.62 1.18 5.68
CA TYR A 383 17.24 0.27 4.58
C TYR A 383 18.52 -0.31 3.98
N GLN A 384 19.49 0.54 3.70
CA GLN A 384 20.82 0.11 3.15
C GLN A 384 21.47 -0.91 4.11
N ASN A 385 21.57 -0.57 5.40
CA ASN A 385 22.16 -1.49 6.41
C ASN A 385 21.40 -2.81 6.49
N ALA A 386 20.06 -2.85 6.31
CA ALA A 386 19.27 -4.12 6.42
C ALA A 386 19.66 -5.11 5.32
N GLN A 387 20.20 -4.65 4.21
CA GLN A 387 20.59 -5.53 3.07
C GLN A 387 21.85 -6.35 3.41
N LYS A 388 22.61 -5.98 4.45
CA LYS A 388 23.89 -6.67 4.81
C LYS A 388 23.60 -8.10 5.25
N LYS A 389 22.57 -8.33 6.06
CA LYS A 389 22.32 -9.65 6.68
C LYS A 389 21.21 -10.46 5.96
N HIS A 390 20.36 -9.83 5.14
CA HIS A 390 19.25 -10.53 4.45
C HIS A 390 19.03 -9.93 3.07
N LYS A 391 18.75 -10.78 2.10
CA LYS A 391 18.51 -10.36 0.70
C LYS A 391 17.13 -9.72 0.63
N ASN A 392 17.02 -8.57 -0.01
CA ASN A 392 15.69 -7.92 -0.25
C ASN A 392 15.05 -7.66 1.11
N ASN A 393 15.83 -7.18 2.07
CA ASN A 393 15.30 -6.97 3.42
C ASN A 393 14.45 -5.69 3.42
N ILE A 394 13.69 -5.47 4.50
CA ILE A 394 12.83 -4.27 4.61
C ILE A 394 13.14 -3.49 5.87
N ILE A 395 12.49 -2.33 5.98
CA ILE A 395 12.29 -1.63 7.27
C ILE A 395 10.77 -1.52 7.46
N LEU A 396 10.37 -0.91 8.55
CA LEU A 396 8.96 -0.47 8.71
C LEU A 396 9.06 0.94 9.29
N SER A 397 8.71 1.96 8.51
CA SER A 397 8.94 3.37 8.91
C SER A 397 7.99 4.31 8.18
N ARG A 398 7.78 5.49 8.78
CA ARG A 398 6.92 6.55 8.21
C ARG A 398 7.49 7.09 6.89
N TYR A 399 6.62 7.75 6.11
CA TYR A 399 6.97 8.32 4.79
C TYR A 399 7.91 9.50 4.96
N ALA A 400 8.98 9.56 4.15
CA ALA A 400 10.05 10.57 4.32
C ALA A 400 10.19 11.42 3.05
N GLY A 401 9.12 11.60 2.30
CA GLY A 401 9.14 12.53 1.17
C GLY A 401 9.39 11.81 -0.16
N PRO A 402 9.27 12.52 -1.29
CA PRO A 402 9.38 11.87 -2.61
C PRO A 402 10.72 11.17 -2.78
N GLY A 403 10.69 9.94 -3.26
CA GLY A 403 11.85 9.08 -3.41
C GLY A 403 11.97 8.07 -2.28
N SER A 404 11.30 8.28 -1.13
CA SER A 404 11.46 7.40 0.07
C SER A 404 10.75 6.06 -0.16
N HIS A 405 10.07 5.87 -1.32
CA HIS A 405 9.58 4.54 -1.76
C HIS A 405 10.75 3.59 -1.94
N ARG A 406 11.96 4.13 -2.03
CA ARG A 406 13.18 3.28 -2.19
C ARG A 406 13.42 2.49 -0.91
N TYR A 407 12.72 2.82 0.18
CA TYR A 407 12.98 2.24 1.52
C TYR A 407 11.70 1.65 2.10
N PRO A 408 11.08 0.62 1.48
CA PRO A 408 9.85 0.04 2.01
C PRO A 408 10.15 -0.72 3.31
N LEU A 409 9.14 -0.86 4.18
CA LEU A 409 7.74 -0.56 3.96
C LEU A 409 7.33 0.75 4.63
N GLY A 410 6.28 1.37 4.12
CA GLY A 410 5.62 2.51 4.76
C GLY A 410 4.87 2.06 6.01
N PHE A 411 4.93 2.88 7.05
CA PHE A 411 4.26 2.65 8.36
C PHE A 411 3.45 3.88 8.69
N SER A 412 2.12 3.81 8.62
CA SER A 412 1.29 5.05 8.74
C SER A 412 1.11 5.48 10.19
N GLY A 413 1.25 4.57 11.16
CA GLY A 413 1.28 5.00 12.58
C GLY A 413 -0.08 5.09 13.26
N ALA A 414 -0.18 6.02 14.20
CA ALA A 414 -1.12 5.97 15.35
C ALA A 414 -2.47 6.60 14.95
N SER A 415 -3.14 6.00 13.99
CA SER A 415 -4.54 6.31 13.61
C SER A 415 -5.47 6.18 14.81
N VAL A 416 -6.50 7.03 14.83
CA VAL A 416 -7.59 6.87 15.81
C VAL A 416 -8.54 5.77 15.31
N ILE A 417 -8.95 4.89 16.23
CA ILE A 417 -9.89 3.77 15.95
C ILE A 417 -11.29 4.34 15.75
N SER A 418 -11.70 4.48 14.50
CA SER A 418 -13.02 5.06 14.19
C SER A 418 -13.46 4.63 12.79
N TRP A 419 -14.76 4.69 12.58
CA TRP A 419 -15.32 4.54 11.22
C TRP A 419 -14.73 5.61 10.31
N ALA A 420 -14.57 6.84 10.81
CA ALA A 420 -14.03 7.94 10.00
C ALA A 420 -12.61 7.60 9.50
N SER A 421 -11.78 7.04 10.36
CA SER A 421 -10.39 6.66 9.99
C SER A 421 -10.46 5.57 8.92
N LEU A 422 -11.30 4.56 9.11
CA LEU A 422 -11.39 3.49 8.11
C LEU A 422 -11.88 4.07 6.77
N ASP A 423 -12.88 4.96 6.81
CA ASP A 423 -13.48 5.53 5.58
C ASP A 423 -12.45 6.35 4.79
N PHE A 424 -11.42 6.87 5.42
CA PHE A 424 -10.33 7.63 4.75
C PHE A 424 -9.30 6.68 4.13
N GLN A 425 -9.12 5.48 4.68
CA GLN A 425 -7.86 4.74 4.46
C GLN A 425 -7.77 4.14 3.06
N PRO A 426 -8.82 3.61 2.39
CA PRO A 426 -8.64 3.13 1.00
C PRO A 426 -8.21 4.27 0.06
N TYR A 427 -8.87 5.42 0.15
CA TYR A 427 -8.52 6.62 -0.63
C TYR A 427 -7.06 7.01 -0.38
N PHE A 428 -6.69 7.09 0.89
CA PHE A 428 -5.31 7.39 1.32
C PHE A 428 -4.34 6.44 0.58
N THR A 429 -4.69 5.16 0.54
CA THR A 429 -3.75 4.11 0.10
C THR A 429 -3.56 4.20 -1.42
N SER A 430 -4.64 4.29 -2.16
CA SER A 430 -4.56 4.34 -3.64
C SER A 430 -3.95 5.67 -4.08
N THR A 431 -4.31 6.79 -3.45
CA THR A 431 -3.77 8.12 -3.80
C THR A 431 -2.24 8.13 -3.63
N ALA A 432 -1.68 7.39 -2.66
CA ALA A 432 -0.23 7.37 -2.43
C ALA A 432 0.55 6.88 -3.67
N SER A 433 -0.08 6.11 -4.54
CA SER A 433 0.55 5.64 -5.81
C SER A 433 0.94 6.85 -6.68
N ASN A 434 0.27 7.98 -6.49
CA ASN A 434 0.51 9.22 -7.27
C ASN A 434 1.84 9.90 -6.91
N ILE A 435 2.51 9.48 -5.83
CA ILE A 435 3.90 9.91 -5.53
C ILE A 435 4.77 8.65 -5.38
N GLY A 436 4.31 7.55 -5.94
CA GLY A 436 5.10 6.31 -6.03
C GLY A 436 5.30 5.57 -4.73
N TYR A 437 4.51 5.85 -3.69
CA TYR A 437 4.75 5.24 -2.35
C TYR A 437 3.71 4.14 -2.14
N THR A 438 4.01 2.94 -2.64
CA THR A 438 2.97 1.93 -2.94
C THR A 438 2.93 0.81 -1.90
N TRP A 439 3.71 0.92 -0.81
CA TRP A 439 3.75 -0.15 0.21
C TRP A 439 3.39 0.43 1.59
N TRP A 440 2.30 1.19 1.68
CA TRP A 440 1.78 1.59 3.01
C TRP A 440 1.30 0.39 3.81
N SER A 441 1.80 0.27 5.03
CA SER A 441 1.26 -0.65 6.06
C SER A 441 0.53 0.20 7.10
N HIS A 442 -0.77 0.05 7.14
CA HIS A 442 -1.64 0.66 8.16
C HIS A 442 -1.79 -0.29 9.33
N ASP A 443 -1.95 0.25 10.53
CA ASP A 443 -2.43 -0.54 11.68
C ASP A 443 -3.84 -1.04 11.35
N ILE A 444 -4.00 -2.34 11.13
CA ILE A 444 -5.33 -2.88 10.72
C ILE A 444 -6.22 -2.89 11.96
N GLY A 445 -7.42 -2.27 11.83
CA GLY A 445 -8.35 -2.03 12.93
C GLY A 445 -8.14 -0.69 13.64
N GLY A 446 -7.14 0.11 13.26
CA GLY A 446 -6.82 1.39 13.89
C GLY A 446 -5.89 1.24 15.09
N HIS A 447 -5.18 2.29 15.42
CA HIS A 447 -4.14 2.18 16.48
C HIS A 447 -4.72 2.44 17.88
N MET A 448 -5.28 3.61 18.11
CA MET A 448 -5.49 4.08 19.49
C MET A 448 -6.76 4.92 19.65
N GLN A 449 -7.10 5.19 20.89
CA GLN A 449 -8.25 6.05 21.25
C GLN A 449 -9.46 5.55 20.49
N GLY A 450 -10.38 6.45 20.10
CA GLY A 450 -11.59 6.01 19.39
C GLY A 450 -12.44 5.07 20.23
N TYR A 451 -13.17 4.17 19.59
CA TYR A 451 -14.39 3.51 20.14
CA TYR A 451 -14.27 3.43 20.29
C TYR A 451 -14.40 2.03 19.73
N LYS A 452 -15.00 1.17 20.55
CA LYS A 452 -15.17 -0.27 20.25
C LYS A 452 -16.38 -0.45 19.34
N ASP A 453 -16.20 -1.29 18.33
CA ASP A 453 -17.30 -1.75 17.43
C ASP A 453 -16.69 -2.93 16.67
N ALA A 454 -17.13 -4.15 16.97
CA ALA A 454 -16.52 -5.37 16.39
C ALA A 454 -16.70 -5.35 14.86
N GLU A 455 -17.76 -4.72 14.38
CA GLU A 455 -18.01 -4.60 12.92
C GLU A 455 -16.95 -3.69 12.27
N LEU A 456 -16.56 -2.60 12.93
CA LEU A 456 -15.49 -1.72 12.45
C LEU A 456 -14.20 -2.56 12.35
N SER A 457 -13.86 -3.30 13.39
CA SER A 457 -12.66 -4.20 13.37
C SER A 457 -12.72 -5.15 12.15
N LEU A 458 -13.87 -5.78 11.92
CA LEU A 458 -14.04 -6.75 10.81
C LEU A 458 -13.93 -6.01 9.46
N ARG A 459 -14.63 -4.90 9.27
CA ARG A 459 -14.52 -4.14 8.00
C ARG A 459 -13.06 -3.71 7.79
N TRP A 460 -12.35 -3.31 8.85
CA TRP A 460 -10.97 -2.80 8.71
C TRP A 460 -10.07 -3.94 8.23
N LEU A 461 -10.30 -5.15 8.74
CA LEU A 461 -9.50 -6.34 8.34
C LEU A 461 -9.79 -6.71 6.89
N GLN A 462 -11.03 -6.63 6.48
CA GLN A 462 -11.38 -6.84 5.05
C GLN A 462 -10.54 -5.93 4.17
N PHE A 463 -10.53 -4.63 4.45
CA PHE A 463 -9.69 -3.68 3.72
C PHE A 463 -8.21 -4.11 3.81
N GLY A 464 -7.70 -4.35 5.01
CA GLY A 464 -6.28 -4.70 5.21
C GLY A 464 -5.87 -5.84 4.28
N VAL A 465 -6.70 -6.88 4.19
CA VAL A 465 -6.39 -8.09 3.38
C VAL A 465 -6.21 -7.68 1.90
N PHE A 466 -6.93 -6.65 1.45
CA PHE A 466 -6.82 -6.11 0.07
C PHE A 466 -6.07 -4.77 0.08
N SER A 467 -5.06 -4.67 0.95
CA SER A 467 -4.17 -3.51 1.03
C SER A 467 -2.74 -4.00 0.77
N PRO A 468 -1.78 -3.08 0.64
CA PRO A 468 -0.39 -3.48 0.34
C PRO A 468 0.17 -4.46 1.38
N ILE A 469 -0.15 -4.25 2.66
CA ILE A 469 0.45 -5.01 3.80
C ILE A 469 -0.65 -5.26 4.84
N ASN A 470 -0.71 -6.43 5.43
CA ASN A 470 -1.79 -6.75 6.40
C ASN A 470 -1.18 -6.98 7.78
N ARG A 471 -0.91 -5.88 8.49
CA ARG A 471 -0.27 -5.88 9.82
C ARG A 471 -1.31 -5.52 10.89
N LEU A 472 -1.72 -6.49 11.69
CA LEU A 472 -2.61 -6.23 12.85
C LEU A 472 -1.77 -5.53 13.89
N HIS A 473 -2.24 -4.41 14.44
CA HIS A 473 -1.52 -3.68 15.51
C HIS A 473 -2.52 -2.88 16.36
N SER A 474 -2.15 -2.52 17.59
CA SER A 474 -3.01 -1.78 18.54
CA SER A 474 -3.03 -1.74 18.51
C SER A 474 -2.19 -1.11 19.62
N SER A 475 -2.93 -0.32 20.38
N SER A 475 -2.54 0.07 20.17
CA SER A 475 -2.51 0.58 21.46
CA SER A 475 -1.82 0.74 21.31
C SER A 475 -2.18 -0.22 22.72
C SER A 475 -2.04 -0.10 22.59
N LYS A 476 -1.67 0.51 23.71
CA LYS A 476 -1.42 -0.08 25.05
C LYS A 476 -2.71 -0.39 25.86
N SER A 477 -3.89 -0.26 25.30
CA SER A 477 -5.14 -0.61 26.04
C SER A 477 -5.25 -2.11 26.29
N GLU A 478 -5.80 -2.50 27.44
CA GLU A 478 -6.22 -3.90 27.70
C GLU A 478 -7.36 -4.31 26.75
N PHE A 479 -7.99 -3.35 26.08
CA PHE A 479 -9.28 -3.56 25.39
C PHE A 479 -9.17 -3.54 23.87
N THR A 480 -7.96 -3.35 23.29
CA THR A 480 -7.86 -3.14 21.81
C THR A 480 -7.14 -4.27 21.07
N SER A 481 -7.00 -5.48 21.63
CA SER A 481 -6.35 -6.58 20.89
C SER A 481 -7.10 -6.87 19.59
N LYS A 482 -6.36 -7.12 18.51
CA LYS A 482 -6.93 -7.52 17.20
C LYS A 482 -7.02 -9.05 17.04
N GLU A 483 -6.81 -9.81 18.12
CA GLU A 483 -7.00 -11.28 18.07
C GLU A 483 -8.44 -11.57 17.63
N PRO A 484 -8.68 -12.43 16.61
CA PRO A 484 -10.06 -12.73 16.20
C PRO A 484 -10.96 -13.22 17.35
N TRP A 485 -10.40 -14.00 18.28
CA TRP A 485 -11.16 -14.64 19.40
C TRP A 485 -11.41 -13.64 20.52
N HIS A 486 -10.98 -12.37 20.37
CA HIS A 486 -11.43 -11.26 21.21
C HIS A 486 -12.94 -11.06 21.02
N PHE A 487 -13.43 -11.34 19.81
CA PHE A 487 -14.82 -11.01 19.37
C PHE A 487 -15.72 -12.24 19.46
N ASP A 488 -17.00 -12.05 19.13
CA ASP A 488 -18.00 -13.15 19.24
C ASP A 488 -17.75 -14.15 18.12
N ALA A 489 -18.47 -15.27 18.15
CA ALA A 489 -18.17 -16.43 17.28
C ALA A 489 -18.31 -16.03 15.81
N VAL A 490 -19.25 -15.16 15.47
CA VAL A 490 -19.52 -14.73 14.07
C VAL A 490 -18.35 -13.87 13.56
N ILE A 491 -17.96 -12.89 14.36
CA ILE A 491 -16.84 -11.97 14.00
C ILE A 491 -15.56 -12.79 13.92
N GLU A 492 -15.32 -13.65 14.92
CA GLU A 492 -14.08 -14.46 14.98
C GLU A 492 -13.94 -15.29 13.70
N GLN A 493 -14.99 -15.98 13.30
CA GLN A 493 -14.92 -16.92 12.15
C GLN A 493 -14.67 -16.10 10.89
N SER A 494 -15.32 -14.96 10.73
CA SER A 494 -15.11 -14.09 9.56
C SER A 494 -13.67 -13.56 9.53
N MET A 495 -13.12 -13.14 10.67
CA MET A 495 -11.76 -12.62 10.70
C MET A 495 -10.79 -13.75 10.32
N ILE A 496 -11.00 -14.94 10.86
CA ILE A 496 -10.12 -16.09 10.54
C ILE A 496 -10.19 -16.34 9.03
N ASP A 497 -11.38 -16.33 8.45
CA ASP A 497 -11.58 -16.57 6.99
C ASP A 497 -10.77 -15.52 6.19
N PHE A 498 -10.85 -14.23 6.54
CA PHE A 498 -10.14 -13.16 5.81
C PHE A 498 -8.63 -13.31 6.01
N LEU A 499 -8.20 -13.69 7.21
CA LEU A 499 -6.74 -13.84 7.49
C LEU A 499 -6.20 -15.01 6.66
N GLN A 500 -6.95 -16.09 6.52
CA GLN A 500 -6.55 -17.21 5.65
C GLN A 500 -6.53 -16.73 4.20
N LEU A 501 -7.48 -15.89 3.80
CA LEU A 501 -7.55 -15.37 2.40
C LEU A 501 -6.27 -14.58 2.09
N ARG A 502 -5.73 -13.81 3.04
CA ARG A 502 -4.51 -13.03 2.82
C ARG A 502 -3.39 -13.96 2.35
N HIS A 503 -3.22 -15.08 3.03
CA HIS A 503 -2.18 -16.08 2.64
C HIS A 503 -2.53 -16.76 1.32
N GLN A 504 -3.80 -16.97 1.00
CA GLN A 504 -4.18 -17.50 -0.33
C GLN A 504 -3.71 -16.51 -1.41
N LEU A 505 -3.72 -15.21 -1.08
CA LEU A 505 -3.40 -14.14 -2.06
C LEU A 505 -1.90 -13.91 -2.18
N ILE A 506 -1.04 -14.56 -1.39
CA ILE A 506 0.41 -14.24 -1.41
C ILE A 506 0.98 -14.48 -2.82
N PRO A 507 0.70 -15.56 -3.55
CA PRO A 507 1.22 -15.68 -4.92
C PRO A 507 0.89 -14.46 -5.81
N TYR A 508 -0.36 -13.99 -5.76
CA TYR A 508 -0.83 -12.83 -6.56
C TYR A 508 -0.09 -11.55 -6.12
N LEU A 509 0.05 -11.38 -4.80
CA LEU A 509 0.73 -10.20 -4.20
C LEU A 509 2.21 -10.23 -4.59
N TYR A 510 2.85 -11.38 -4.52
CA TYR A 510 4.30 -11.49 -4.71
C TYR A 510 4.60 -11.21 -6.19
N SER A 511 3.77 -11.73 -7.08
CA SER A 511 3.89 -11.47 -8.53
C SER A 511 3.72 -9.95 -8.78
N ALA A 512 2.73 -9.32 -8.17
CA ALA A 512 2.51 -7.86 -8.32
C ALA A 512 3.70 -7.09 -7.75
N ASN A 513 4.26 -7.56 -6.63
CA ASN A 513 5.48 -6.98 -6.04
C ASN A 513 6.61 -6.98 -7.08
N LEU A 514 6.85 -8.09 -7.75
CA LEU A 514 7.96 -8.12 -8.75
C LEU A 514 7.65 -7.17 -9.91
N ILE A 515 6.35 -6.97 -10.23
CA ILE A 515 5.92 -6.00 -11.28
C ILE A 515 6.13 -4.56 -10.80
N THR A 516 5.88 -4.26 -9.52
CA THR A 516 6.24 -2.91 -8.99
C THR A 516 7.74 -2.65 -9.19
N ALA A 517 8.58 -3.62 -8.82
CA ALA A 517 10.07 -3.50 -8.77
C ALA A 517 10.62 -3.37 -10.21
N SER A 518 10.07 -4.12 -11.15
CA SER A 518 10.66 -4.25 -12.51
C SER A 518 9.95 -3.32 -13.50
N GLU A 519 8.66 -2.98 -13.33
CA GLU A 519 7.88 -2.28 -14.38
C GLU A 519 7.30 -0.96 -13.86
N GLY A 520 7.41 -0.67 -12.57
CA GLY A 520 6.94 0.60 -12.00
C GLY A 520 5.43 0.70 -11.94
N ARG A 521 4.73 -0.42 -11.85
CA ARG A 521 3.27 -0.48 -11.70
C ARG A 521 2.89 -0.74 -10.24
N ALA A 522 2.08 0.16 -9.68
CA ALA A 522 1.56 0.01 -8.29
C ALA A 522 0.63 -1.21 -8.20
N LEU A 523 0.69 -1.92 -7.07
CA LEU A 523 -0.30 -2.97 -6.71
C LEU A 523 -1.68 -2.30 -6.63
N VAL A 524 -1.77 -1.21 -5.87
CA VAL A 524 -3.05 -0.49 -5.66
C VAL A 524 -3.08 0.75 -6.54
N GLU A 525 -4.02 0.77 -7.50
CA GLU A 525 -4.22 1.91 -8.39
C GLU A 525 -5.58 2.56 -8.18
N PRO A 526 -5.63 3.90 -8.17
CA PRO A 526 -6.89 4.59 -8.30
C PRO A 526 -7.58 4.17 -9.60
N LEU A 527 -8.91 4.26 -9.65
CA LEU A 527 -9.64 3.85 -10.88
C LEU A 527 -9.11 4.61 -12.11
N TYR A 528 -8.75 5.88 -11.93
CA TYR A 528 -8.41 6.79 -13.04
C TYR A 528 -7.06 6.39 -13.69
N TYR A 529 -6.26 5.49 -13.11
CA TYR A 529 -5.07 4.97 -13.84
C TYR A 529 -5.56 4.18 -15.06
N GLU A 530 -6.55 3.32 -14.87
CA GLU A 530 -7.07 2.43 -15.93
C GLU A 530 -8.10 3.18 -16.77
N TYR A 531 -8.86 4.12 -16.18
CA TYR A 531 -10.03 4.80 -16.81
C TYR A 531 -9.89 6.31 -16.71
N PRO A 532 -8.80 6.93 -17.25
CA PRO A 532 -8.54 8.34 -17.07
C PRO A 532 -9.59 9.31 -17.62
N MET A 533 -10.36 8.87 -18.64
CA MET A 533 -11.35 9.75 -19.29
C MET A 533 -12.76 9.49 -18.78
N GLU A 534 -12.96 8.61 -17.80
CA GLU A 534 -14.32 8.32 -17.24
C GLU A 534 -14.50 9.20 -16.00
N GLU A 535 -15.46 10.13 -16.01
CA GLU A 535 -15.66 11.00 -14.83
C GLU A 535 -15.94 10.13 -13.59
N GLU A 536 -16.64 8.99 -13.72
CA GLU A 536 -16.96 8.17 -12.53
C GLU A 536 -15.67 7.60 -11.90
N ALA A 537 -14.55 7.50 -12.62
CA ALA A 537 -13.30 6.99 -12.07
C ALA A 537 -12.70 7.98 -11.07
N TYR A 538 -13.19 9.22 -11.02
CA TYR A 538 -12.75 10.25 -10.05
C TYR A 538 -13.80 10.44 -8.93
N GLN A 539 -14.88 9.67 -8.93
CA GLN A 539 -16.02 9.92 -7.99
C GLN A 539 -16.22 8.72 -7.04
N HIS A 540 -15.28 7.79 -6.99
CA HIS A 540 -15.38 6.61 -6.11
C HIS A 540 -14.06 6.50 -5.34
N ARG A 541 -13.86 7.42 -4.38
CA ARG A 541 -12.56 7.67 -3.70
C ARG A 541 -11.97 6.37 -3.14
N ASN A 542 -12.81 5.47 -2.61
CA ASN A 542 -12.34 4.29 -1.88
C ASN A 542 -12.27 3.05 -2.77
N GLN A 543 -12.61 3.18 -4.06
CA GLN A 543 -12.60 2.04 -4.99
C GLN A 543 -11.23 2.00 -5.66
N TYR A 544 -10.72 0.81 -5.93
CA TYR A 544 -9.36 0.73 -6.52
C TYR A 544 -9.20 -0.57 -7.28
N LEU A 545 -8.20 -0.57 -8.15
CA LEU A 545 -7.70 -1.82 -8.76
C LEU A 545 -6.64 -2.41 -7.83
N PHE A 546 -6.68 -3.72 -7.67
CA PHE A 546 -5.80 -4.49 -6.77
C PHE A 546 -5.11 -5.52 -7.68
N GLY A 547 -3.87 -5.23 -8.08
CA GLY A 547 -3.21 -5.95 -9.17
C GLY A 547 -3.98 -5.70 -10.46
N GLU A 548 -3.88 -6.59 -11.41
CA GLU A 548 -4.54 -6.37 -12.74
C GLU A 548 -5.85 -7.14 -12.87
N GLN A 549 -6.24 -8.00 -11.92
CA GLN A 549 -7.36 -8.92 -12.15
C GLN A 549 -8.55 -8.58 -11.23
N LEU A 550 -8.39 -7.72 -10.23
CA LEU A 550 -9.41 -7.54 -9.15
C LEU A 550 -9.70 -6.05 -8.97
N MET A 551 -10.95 -5.72 -8.69
CA MET A 551 -11.41 -4.34 -8.41
C MET A 551 -12.13 -4.41 -7.06
N VAL A 552 -11.70 -3.56 -6.14
CA VAL A 552 -12.13 -3.64 -4.72
C VAL A 552 -12.95 -2.38 -4.39
N ALA A 553 -14.09 -2.57 -3.71
CA ALA A 553 -14.92 -1.46 -3.19
C ALA A 553 -15.20 -1.77 -1.73
N PRO A 554 -14.27 -1.46 -0.81
CA PRO A 554 -14.46 -1.80 0.59
C PRO A 554 -15.69 -1.07 1.15
N ILE A 555 -16.36 -1.73 2.09
CA ILE A 555 -17.44 -1.08 2.86
C ILE A 555 -16.77 -0.45 4.10
N THR A 556 -16.99 0.85 4.29
CA THR A 556 -16.32 1.62 5.35
C THR A 556 -17.34 2.44 6.13
N GLU A 557 -18.59 2.01 6.14
CA GLU A 557 -19.68 2.67 6.92
C GLU A 557 -20.43 1.58 7.71
N LYS A 558 -20.83 1.90 8.91
CA LYS A 558 -21.62 0.99 9.77
C LYS A 558 -22.88 0.55 9.04
N MET A 559 -23.22 -0.71 9.21
CA MET A 559 -24.40 -1.31 8.54
C MET A 559 -25.68 -0.58 8.92
N ASN A 560 -26.64 -0.61 8.02
CA ASN A 560 -28.02 -0.17 8.21
C ASN A 560 -28.70 -1.30 8.99
N SER A 561 -29.11 -1.07 10.23
CA SER A 561 -29.64 -2.16 11.08
C SER A 561 -30.97 -2.68 10.54
N LEU A 562 -31.73 -1.90 9.77
CA LEU A 562 -32.97 -2.40 9.16
C LEU A 562 -32.62 -3.45 8.09
N LEU A 563 -31.48 -3.32 7.41
CA LEU A 563 -31.10 -4.29 6.36
C LEU A 563 -30.17 -5.38 6.91
N GLN A 564 -29.50 -5.13 8.04
CA GLN A 564 -28.42 -6.00 8.55
C GLN A 564 -27.33 -6.10 7.46
N MET A 565 -27.13 -5.04 6.69
CA MET A 565 -26.13 -4.99 5.60
C MET A 565 -25.52 -3.59 5.51
N GLY A 566 -24.22 -3.55 5.24
CA GLY A 566 -23.50 -2.32 4.86
C GLY A 566 -23.56 -2.14 3.36
N SER A 567 -23.11 -1.00 2.88
CA SER A 567 -23.21 -0.72 1.43
C SER A 567 -22.13 0.25 0.99
N VAL A 568 -21.89 0.27 -0.32
CA VAL A 568 -20.98 1.22 -1.00
C VAL A 568 -21.50 1.39 -2.43
N GLU A 569 -21.45 2.60 -2.95
CA GLU A 569 -21.75 2.84 -4.38
C GLU A 569 -20.51 2.44 -5.19
N VAL A 570 -20.72 1.45 -6.06
CA VAL A 570 -19.67 0.88 -6.94
C VAL A 570 -19.87 1.43 -8.35
N TRP A 571 -18.77 1.87 -8.94
CA TRP A 571 -18.78 2.18 -10.39
C TRP A 571 -18.27 0.94 -11.11
N PHE A 572 -19.10 0.38 -11.98
CA PHE A 572 -18.68 -0.78 -12.80
C PHE A 572 -18.29 -0.23 -14.16
N PRO A 573 -16.99 -0.31 -14.54
CA PRO A 573 -16.60 0.00 -15.91
C PRO A 573 -17.30 -0.91 -16.94
N GLU A 574 -17.27 -0.46 -18.20
CA GLU A 574 -17.77 -1.25 -19.35
C GLU A 574 -17.28 -2.70 -19.19
N GLY A 575 -18.14 -3.66 -19.49
CA GLY A 575 -17.76 -5.09 -19.39
C GLY A 575 -18.66 -5.84 -18.43
N THR A 576 -18.48 -7.15 -18.38
CA THR A 576 -19.23 -8.04 -17.45
C THR A 576 -18.34 -8.30 -16.24
N TRP A 577 -18.87 -8.01 -15.05
CA TRP A 577 -18.12 -8.16 -13.78
C TRP A 577 -18.82 -9.20 -12.91
N TYR A 578 -18.04 -9.89 -12.10
CA TYR A 578 -18.54 -10.91 -11.16
C TYR A 578 -18.01 -10.53 -9.77
N ASP A 579 -18.87 -10.65 -8.77
CA ASP A 579 -18.36 -10.75 -7.39
C ASP A 579 -17.35 -11.91 -7.31
N PHE A 580 -16.16 -11.59 -6.81
CA PHE A 580 -15.05 -12.55 -6.65
C PHE A 580 -15.47 -13.74 -5.78
N PHE A 581 -16.33 -13.51 -4.80
CA PHE A 581 -16.69 -14.53 -3.79
C PHE A 581 -17.95 -15.28 -4.22
N SER A 582 -18.98 -14.59 -4.72
CA SER A 582 -20.32 -15.21 -4.93
C SER A 582 -20.60 -15.53 -6.39
N GLY A 583 -19.91 -14.87 -7.31
CA GLY A 583 -20.24 -14.92 -8.74
C GLY A 583 -21.41 -14.07 -9.14
N GLN A 584 -21.97 -13.25 -8.21
CA GLN A 584 -23.06 -12.34 -8.59
C GLN A 584 -22.59 -11.53 -9.80
N PRO A 585 -23.35 -11.48 -10.90
CA PRO A 585 -22.93 -10.68 -12.05
C PRO A 585 -23.41 -9.23 -12.09
N TYR A 586 -22.65 -8.40 -12.77
CA TYR A 586 -23.00 -6.98 -13.03
C TYR A 586 -22.57 -6.56 -14.43
N ASP A 587 -23.52 -6.02 -15.17
CA ASP A 587 -23.29 -5.43 -16.51
C ASP A 587 -22.80 -3.99 -16.34
N GLY A 588 -21.54 -3.70 -16.68
CA GLY A 588 -21.10 -2.29 -16.79
C GLY A 588 -21.65 -1.70 -18.09
N LYS A 589 -21.52 -0.40 -18.30
CA LYS A 589 -21.02 0.56 -17.35
C LYS A 589 -22.21 1.09 -16.54
N VAL A 590 -22.07 1.16 -15.21
CA VAL A 590 -23.21 1.55 -14.32
C VAL A 590 -22.62 1.96 -12.98
N SER A 591 -23.25 2.90 -12.29
CA SER A 591 -22.99 3.15 -10.86
C SER A 591 -24.18 2.60 -10.05
N LEU A 592 -23.88 1.76 -9.09
CA LEU A 592 -24.88 0.88 -8.47
C LEU A 592 -24.47 0.75 -7.00
N LYS A 593 -25.41 1.00 -6.09
CA LYS A 593 -25.21 0.78 -4.65
C LYS A 593 -25.27 -0.73 -4.42
N VAL A 594 -24.22 -1.28 -3.80
CA VAL A 594 -24.15 -2.73 -3.48
C VAL A 594 -24.13 -2.89 -1.95
N TYR A 595 -24.76 -3.95 -1.52
CA TYR A 595 -25.08 -4.28 -0.11
C TYR A 595 -24.40 -5.61 0.23
N ARG A 596 -23.74 -5.68 1.36
CA ARG A 596 -23.10 -6.94 1.81
C ARG A 596 -23.34 -7.06 3.31
N GLU A 597 -23.56 -8.28 3.77
CA GLU A 597 -23.53 -8.59 5.23
C GLU A 597 -22.14 -8.24 5.77
N ILE A 598 -21.99 -8.14 7.11
CA ILE A 598 -20.73 -7.65 7.67
C ILE A 598 -19.60 -8.64 7.38
N THR A 599 -19.93 -9.89 7.08
CA THR A 599 -18.95 -10.97 6.82
C THR A 599 -18.53 -11.00 5.34
N GLU A 600 -19.03 -10.11 4.50
CA GLU A 600 -18.79 -10.22 3.03
C GLU A 600 -18.25 -8.89 2.51
N MET A 601 -17.33 -8.94 1.56
CA MET A 601 -16.66 -7.72 1.03
C MET A 601 -16.88 -7.61 -0.47
N PRO A 602 -17.17 -6.40 -1.01
CA PRO A 602 -17.32 -6.21 -2.46
C PRO A 602 -15.94 -6.23 -3.15
N VAL A 603 -15.68 -7.33 -3.84
CA VAL A 603 -14.46 -7.53 -4.67
C VAL A 603 -14.96 -8.14 -5.98
N PHE A 604 -14.44 -7.63 -7.08
CA PHE A 604 -15.03 -7.97 -8.40
C PHE A 604 -13.90 -8.37 -9.35
N ALA A 605 -14.25 -9.26 -10.28
CA ALA A 605 -13.35 -9.69 -11.37
C ALA A 605 -14.12 -9.62 -12.69
N LYS A 606 -13.46 -9.22 -13.77
CA LYS A 606 -14.06 -9.21 -15.13
C LYS A 606 -14.19 -10.63 -15.68
N ALA A 607 -15.17 -10.84 -16.58
CA ALA A 607 -15.16 -12.02 -17.49
C ALA A 607 -13.73 -12.16 -18.05
N GLY A 608 -13.18 -13.37 -17.96
CA GLY A 608 -11.83 -13.70 -18.46
C GLY A 608 -10.79 -13.61 -17.38
N ALA A 609 -11.12 -13.09 -16.19
CA ALA A 609 -10.12 -12.94 -15.11
C ALA A 609 -9.59 -14.32 -14.74
N ILE A 610 -8.28 -14.40 -14.48
CA ILE A 610 -7.59 -15.59 -13.91
C ILE A 610 -6.85 -15.15 -12.67
N ILE A 611 -7.19 -15.73 -11.53
CA ILE A 611 -6.54 -15.39 -10.24
C ILE A 611 -5.96 -16.67 -9.68
N PRO A 612 -4.64 -16.71 -9.44
CA PRO A 612 -4.04 -17.83 -8.74
C PRO A 612 -4.25 -17.67 -7.24
N LEU A 613 -4.47 -18.78 -6.55
CA LEU A 613 -4.55 -18.84 -5.09
C LEU A 613 -3.69 -19.98 -4.58
N ASP A 614 -3.06 -19.78 -3.44
CA ASP A 614 -2.40 -20.88 -2.70
C ASP A 614 -3.49 -21.82 -2.21
N LYS A 615 -3.40 -23.11 -2.54
CA LYS A 615 -4.42 -24.09 -2.07
C LYS A 615 -4.20 -24.41 -0.59
N ASN A 616 -3.00 -24.21 -0.11
CA ASN A 616 -2.56 -24.66 1.23
C ASN A 616 -2.01 -23.46 1.98
N PRO A 617 -2.86 -22.44 2.26
CA PRO A 617 -2.36 -21.22 2.90
C PRO A 617 -1.81 -21.45 4.32
N LEU A 618 -2.22 -22.50 5.03
CA LEU A 618 -1.72 -22.79 6.40
C LEU A 618 -0.38 -23.52 6.33
N LYS A 619 -0.02 -24.07 5.18
CA LYS A 619 1.15 -24.97 5.06
C LYS A 619 2.41 -24.12 5.04
N LYS A 620 3.34 -24.42 5.93
CA LYS A 620 4.63 -23.69 5.98
C LYS A 620 5.51 -24.29 4.87
N GLU A 621 5.78 -23.48 3.86
CA GLU A 621 6.58 -23.87 2.67
C GLU A 621 6.97 -22.56 1.98
N GLU A 622 8.21 -22.45 1.49
CA GLU A 622 8.75 -21.20 0.93
C GLU A 622 7.93 -20.77 -0.29
N ILE A 623 7.50 -21.72 -1.13
CA ILE A 623 6.61 -21.42 -2.29
C ILE A 623 5.51 -22.46 -2.35
N PRO A 624 4.30 -22.10 -2.81
CA PRO A 624 3.20 -23.06 -2.82
C PRO A 624 3.51 -24.32 -3.63
N SER A 625 3.28 -25.47 -3.01
CA SER A 625 3.29 -26.82 -3.64
C SER A 625 2.02 -27.02 -4.47
N GLU A 626 0.96 -26.22 -4.24
CA GLU A 626 -0.27 -26.30 -5.06
C GLU A 626 -0.87 -24.92 -5.31
N ILE A 627 -1.22 -24.62 -6.56
CA ILE A 627 -1.92 -23.36 -6.95
C ILE A 627 -3.32 -23.74 -7.44
N ILE A 628 -4.34 -23.00 -6.99
CA ILE A 628 -5.69 -22.99 -7.59
C ILE A 628 -5.68 -21.88 -8.64
N TRP A 629 -6.06 -22.22 -9.87
CA TRP A 629 -6.32 -21.25 -10.95
C TRP A 629 -7.82 -20.99 -10.96
N LYS A 630 -8.23 -19.80 -10.52
CA LYS A 630 -9.65 -19.44 -10.46
C LYS A 630 -9.97 -18.60 -11.68
N ILE A 631 -10.84 -19.13 -12.53
CA ILE A 631 -11.15 -18.58 -13.86
C ILE A 631 -12.58 -18.07 -13.82
N PHE A 632 -12.77 -16.83 -14.26
CA PHE A 632 -14.08 -16.19 -14.49
C PHE A 632 -14.42 -16.38 -15.96
N PRO A 633 -15.49 -17.15 -16.28
CA PRO A 633 -15.94 -17.30 -17.67
C PRO A 633 -16.42 -16.06 -18.41
N GLY A 634 -16.48 -16.16 -19.74
CA GLY A 634 -17.18 -15.22 -20.63
C GLY A 634 -16.26 -14.43 -21.54
N ALA A 635 -14.94 -14.58 -21.45
CA ALA A 635 -13.95 -13.83 -22.24
C ALA A 635 -12.59 -14.55 -22.14
N ASP A 636 -11.67 -14.16 -23.03
CA ASP A 636 -10.27 -14.63 -23.00
C ASP A 636 -9.57 -13.94 -21.83
N GLY A 637 -8.50 -14.53 -21.33
CA GLY A 637 -7.72 -13.90 -20.26
C GLY A 637 -6.34 -14.47 -20.21
N GLU A 638 -5.53 -13.91 -19.32
CA GLU A 638 -4.12 -14.31 -19.20
C GLU A 638 -3.63 -13.83 -17.84
N TYR A 639 -2.79 -14.62 -17.22
CA TYR A 639 -2.12 -14.26 -15.95
C TYR A 639 -0.69 -14.82 -15.98
N LEU A 640 0.27 -13.96 -15.66
CA LEU A 640 1.69 -14.39 -15.50
C LEU A 640 2.03 -14.38 -13.99
N LEU A 641 2.24 -15.57 -13.41
CA LEU A 641 2.70 -15.77 -12.01
C LEU A 641 4.23 -15.69 -11.96
N LEU A 642 4.77 -14.53 -11.57
CA LEU A 642 6.21 -14.35 -11.31
C LEU A 642 6.54 -14.88 -9.91
N GLU A 643 7.59 -15.69 -9.80
CA GLU A 643 8.08 -16.23 -8.52
C GLU A 643 9.59 -16.05 -8.42
N GLU A 644 10.14 -16.33 -7.23
CA GLU A 644 11.58 -16.19 -6.89
C GLU A 644 12.44 -16.86 -7.99
N ASP A 645 12.07 -18.07 -8.41
CA ASP A 645 12.86 -18.90 -9.36
C ASP A 645 11.98 -19.51 -10.46
N ASN A 646 10.92 -18.83 -10.90
CA ASN A 646 10.07 -19.35 -11.99
C ASN A 646 9.15 -18.24 -12.54
N GLU A 647 8.59 -18.49 -13.71
CA GLU A 647 7.47 -17.75 -14.30
C GLU A 647 6.49 -18.78 -14.86
N THR A 648 5.21 -18.66 -14.54
CA THR A 648 4.14 -19.61 -14.95
C THR A 648 3.05 -18.80 -15.62
N LYS A 649 2.75 -19.11 -16.88
CA LYS A 649 1.76 -18.38 -17.70
C LYS A 649 0.50 -19.22 -17.77
N ALA A 650 -0.62 -18.66 -17.36
CA ALA A 650 -1.96 -19.23 -17.52
C ALA A 650 -2.65 -18.44 -18.63
N GLU A 651 -3.13 -19.14 -19.64
CA GLU A 651 -3.81 -18.52 -20.81
C GLU A 651 -5.21 -19.10 -20.90
N PHE A 652 -6.18 -18.26 -21.22
CA PHE A 652 -7.57 -18.69 -21.49
C PHE A 652 -8.01 -18.07 -22.81
N VAL A 653 -7.97 -18.88 -23.88
CA VAL A 653 -8.17 -18.40 -25.27
C VAL A 653 -9.18 -19.32 -25.97
N ASN A 654 -10.31 -18.78 -26.42
CA ASN A 654 -11.34 -19.55 -27.15
C ASN A 654 -11.72 -20.78 -26.32
N GLY A 655 -11.87 -20.60 -25.00
CA GLY A 655 -12.29 -21.67 -24.06
C GLY A 655 -11.23 -22.72 -23.76
N ILE A 656 -9.99 -22.56 -24.23
CA ILE A 656 -8.89 -23.51 -23.90
C ILE A 656 -8.02 -22.85 -22.81
N PHE A 657 -7.83 -23.55 -21.70
CA PHE A 657 -6.96 -23.09 -20.60
C PHE A 657 -5.62 -23.81 -20.71
N THR A 658 -4.52 -23.07 -20.81
CA THR A 658 -3.14 -23.62 -20.90
C THR A 658 -2.30 -23.05 -19.77
N VAL A 659 -1.55 -23.90 -19.09
CA VAL A 659 -0.50 -23.54 -18.10
C VAL A 659 0.84 -24.03 -18.60
N THR A 660 1.80 -23.12 -18.74
CA THR A 660 3.23 -23.41 -19.06
C THR A 660 4.11 -22.75 -17.99
N SER A 661 5.32 -23.25 -17.78
CA SER A 661 6.30 -22.61 -16.86
C SER A 661 7.67 -22.56 -17.52
N LYS A 662 8.49 -21.56 -17.19
CA LYS A 662 9.88 -21.50 -17.68
C LYS A 662 10.61 -22.77 -17.23
N LYS A 663 10.56 -23.10 -15.94
CA LYS A 663 11.29 -24.25 -15.34
C LYS A 663 10.26 -25.30 -14.89
N GLU A 664 10.55 -26.58 -15.10
CA GLU A 664 9.67 -27.69 -14.64
C GLU A 664 9.68 -27.67 -13.11
N SER A 665 8.59 -28.15 -12.48
CA SER A 665 8.53 -28.39 -11.02
C SER A 665 7.51 -29.48 -10.72
N SER A 666 7.47 -29.92 -9.47
CA SER A 666 6.50 -30.91 -8.94
C SER A 666 5.22 -30.20 -8.48
N ARG A 667 5.05 -28.91 -8.77
CA ARG A 667 3.83 -28.18 -8.34
C ARG A 667 2.61 -28.88 -8.92
N LYS A 668 1.55 -29.01 -8.12
CA LYS A 668 0.22 -29.53 -8.54
C LYS A 668 -0.76 -28.35 -8.71
N HIS A 669 -1.38 -28.28 -9.89
CA HIS A 669 -2.34 -27.23 -10.31
C HIS A 669 -3.77 -27.72 -10.10
N THR A 670 -4.61 -26.89 -9.49
CA THR A 670 -6.07 -27.08 -9.43
C THR A 670 -6.74 -26.01 -10.30
N ILE A 671 -7.72 -26.41 -11.08
CA ILE A 671 -8.48 -25.49 -11.96
C ILE A 671 -9.90 -25.41 -11.44
N ILE A 672 -10.34 -24.18 -11.17
CA ILE A 672 -11.76 -23.90 -10.83
C ILE A 672 -12.28 -23.01 -11.96
N TYR A 673 -13.21 -23.54 -12.76
CA TYR A 673 -13.84 -22.79 -13.86
C TYR A 673 -15.23 -22.36 -13.37
N GLY A 674 -15.41 -21.06 -13.15
CA GLY A 674 -16.60 -20.51 -12.49
C GLY A 674 -16.82 -21.19 -11.15
N GLU A 675 -17.86 -22.03 -11.08
CA GLU A 675 -18.36 -22.73 -9.88
C GLU A 675 -17.48 -23.95 -9.57
N HIS A 676 -17.05 -24.70 -10.59
CA HIS A 676 -16.72 -26.14 -10.49
C HIS A 676 -15.20 -26.38 -10.57
N GLU A 677 -14.66 -27.20 -9.68
CA GLU A 677 -13.29 -27.74 -9.77
C GLU A 677 -13.25 -28.74 -10.94
N ILE A 678 -12.53 -28.40 -12.02
CA ILE A 678 -12.41 -29.21 -13.26
C ILE A 678 -11.25 -30.20 -13.11
N VAL A 679 -10.09 -29.72 -12.69
CA VAL A 679 -8.82 -30.50 -12.59
C VAL A 679 -8.33 -30.37 -11.16
N SER A 680 -7.95 -31.47 -10.55
CA SER A 680 -7.47 -31.56 -9.15
C SER A 680 -6.02 -32.02 -9.16
N ALA A 681 -5.10 -31.22 -8.59
CA ALA A 681 -3.71 -31.62 -8.27
C ALA A 681 -2.99 -32.23 -9.48
N LYS A 682 -3.02 -31.57 -10.65
CA LYS A 682 -2.36 -32.05 -11.90
C LYS A 682 -0.96 -31.44 -12.00
N ARG A 683 0.06 -32.29 -12.19
CA ARG A 683 1.49 -31.88 -12.31
C ARG A 683 1.78 -31.43 -13.73
N GLY A 684 2.80 -30.59 -13.88
CA GLY A 684 3.49 -30.27 -15.14
C GLY A 684 2.72 -29.28 -15.98
N GLU A 685 3.22 -28.99 -17.17
CA GLU A 685 2.51 -28.15 -18.17
C GLU A 685 1.34 -28.95 -18.73
N PHE A 686 0.27 -28.28 -19.13
CA PHE A 686 -0.91 -28.95 -19.72
C PHE A 686 -1.85 -27.93 -20.32
N SER A 687 -2.77 -28.45 -21.12
CA SER A 687 -3.92 -27.71 -21.70
C SER A 687 -5.17 -28.52 -21.39
N ILE A 688 -6.33 -27.87 -21.30
CA ILE A 688 -7.65 -28.52 -21.12
C ILE A 688 -8.72 -27.60 -21.71
N ASP A 689 -9.66 -28.20 -22.44
CA ASP A 689 -10.77 -27.52 -23.14
C ASP A 689 -11.93 -27.38 -22.15
N LEU A 690 -12.41 -26.15 -21.92
CA LEU A 690 -13.48 -25.83 -20.92
C LEU A 690 -14.74 -25.36 -21.66
N ASN A 691 -14.73 -25.44 -23.00
CA ASN A 691 -15.89 -25.08 -23.85
C ASN A 691 -17.09 -25.97 -23.49
N GLY A 692 -16.85 -27.24 -23.14
CA GLY A 692 -17.89 -28.22 -22.78
C GLY A 692 -18.39 -28.04 -21.35
N LYS A 693 -17.69 -27.26 -20.51
CA LYS A 693 -17.92 -27.19 -19.04
C LYS A 693 -18.88 -26.05 -18.72
N GLU A 694 -19.56 -26.14 -17.57
CA GLU A 694 -20.62 -25.20 -17.16
C GLU A 694 -19.95 -23.86 -16.84
N GLU A 695 -20.32 -22.82 -17.61
CA GLU A 695 -19.82 -21.40 -17.51
C GLU A 695 -20.47 -20.66 -16.33
N ASN A 696 -21.73 -20.97 -16.00
CA ASN A 696 -22.57 -20.15 -15.10
C ASN A 696 -22.21 -20.45 -13.63
N PHE A 697 -22.11 -19.40 -12.81
CA PHE A 697 -22.08 -19.54 -11.33
C PHE A 697 -23.47 -19.96 -10.87
N ASP A 698 -23.55 -20.49 -9.64
CA ASP A 698 -24.81 -20.88 -8.93
C ASP A 698 -25.63 -19.63 -8.57
N TRP A 699 -24.98 -18.49 -8.31
CA TRP A 699 -25.62 -17.28 -7.73
C TRP A 699 -26.98 -17.12 -8.40
N ASN A 700 -28.05 -16.97 -7.62
CA ASN A 700 -29.32 -16.69 -8.31
C ASN A 700 -30.14 -15.72 -7.50
N PHE A 701 -30.95 -15.01 -8.24
CA PHE A 701 -31.79 -13.92 -7.76
C PHE A 701 -32.63 -14.41 -6.57
N SER A 702 -33.31 -15.56 -6.73
CA SER A 702 -34.32 -16.01 -5.76
C SER A 702 -33.67 -16.30 -4.43
N THR A 703 -32.56 -17.03 -4.42
CA THR A 703 -31.84 -17.39 -3.19
C THR A 703 -31.35 -16.10 -2.49
N ALA A 704 -30.74 -15.19 -3.25
CA ALA A 704 -30.18 -13.93 -2.70
C ALA A 704 -31.33 -13.08 -2.13
N LEU A 705 -32.44 -12.98 -2.85
CA LEU A 705 -33.63 -12.21 -2.40
C LEU A 705 -34.11 -12.76 -1.05
N PHE A 706 -34.24 -14.09 -0.94
CA PHE A 706 -34.78 -14.73 0.28
C PHE A 706 -33.85 -14.36 1.45
N ARG A 707 -32.53 -14.45 1.23
CA ARG A 707 -31.51 -14.19 2.27
C ARG A 707 -31.60 -12.72 2.73
N ARG A 708 -31.72 -11.78 1.80
CA ARG A 708 -31.75 -10.34 2.20
C ARG A 708 -33.02 -10.08 2.98
N LEU A 709 -34.15 -10.61 2.52
CA LEU A 709 -35.43 -10.39 3.27
C LEU A 709 -35.34 -11.04 4.65
N ASP A 710 -34.75 -12.21 4.73
CA ASP A 710 -34.75 -13.01 5.98
C ASP A 710 -33.93 -12.32 7.07
N ILE A 711 -32.78 -11.73 6.74
CA ILE A 711 -31.95 -11.08 7.80
C ILE A 711 -32.53 -9.70 8.13
N ALA A 712 -33.30 -9.06 7.26
CA ALA A 712 -33.76 -7.66 7.47
C ALA A 712 -34.57 -7.53 8.77
N GLU A 713 -34.33 -6.46 9.53
CA GLU A 713 -35.14 -6.12 10.74
C GLU A 713 -36.26 -5.21 10.28
N ILE A 714 -37.16 -5.77 9.50
CA ILE A 714 -38.37 -5.10 8.98
C ILE A 714 -39.58 -5.98 9.31
N SER A 715 -40.75 -5.48 8.99
CA SER A 715 -42.03 -6.18 9.29
C SER A 715 -42.09 -7.44 8.45
N TYR A 716 -42.62 -8.49 9.04
CA TYR A 716 -42.82 -9.76 8.34
C TYR A 716 -43.84 -9.59 7.19
N GLU A 717 -44.85 -8.75 7.35
CA GLU A 717 -45.84 -8.54 6.26
C GLU A 717 -45.13 -7.93 5.05
N GLN A 718 -44.19 -7.00 5.25
CA GLN A 718 -43.37 -6.48 4.12
C GLN A 718 -42.52 -7.58 3.49
N LYS A 719 -41.85 -8.41 4.28
CA LYS A 719 -41.05 -9.54 3.74
C LYS A 719 -41.95 -10.43 2.86
N ASP A 720 -43.11 -10.83 3.40
CA ASP A 720 -44.07 -11.72 2.71
C ASP A 720 -44.47 -11.08 1.37
N GLU A 721 -44.84 -9.81 1.39
CA GLU A 721 -45.36 -9.14 0.17
C GLU A 721 -44.24 -9.03 -0.88
N ILE A 722 -43.02 -8.67 -0.48
CA ILE A 722 -41.90 -8.52 -1.44
C ILE A 722 -41.58 -9.89 -2.07
N LEU A 723 -41.51 -10.93 -1.26
CA LEU A 723 -41.13 -12.28 -1.77
C LEU A 723 -42.22 -12.71 -2.75
N GLN A 724 -43.48 -12.51 -2.40
CA GLN A 724 -44.65 -13.01 -3.19
C GLN A 724 -44.69 -12.23 -4.53
N GLN A 725 -44.58 -10.91 -4.46
CA GLN A 725 -44.77 -10.03 -5.64
C GLN A 725 -43.59 -10.22 -6.58
N LEU A 726 -42.38 -10.30 -6.06
CA LEU A 726 -41.19 -10.43 -6.94
C LEU A 726 -41.16 -11.85 -7.56
N SER A 727 -41.72 -12.84 -6.89
CA SER A 727 -41.86 -14.22 -7.44
C SER A 727 -42.95 -14.23 -8.53
N LEU A 728 -44.07 -13.53 -8.31
CA LEU A 728 -45.24 -13.57 -9.21
C LEU A 728 -45.02 -12.72 -10.46
N ILE A 729 -44.47 -11.51 -10.32
CA ILE A 729 -44.37 -10.53 -11.44
C ILE A 729 -43.25 -11.02 -12.35
N GLU A 730 -43.59 -11.22 -13.62
CA GLU A 730 -42.68 -11.87 -14.58
C GLU A 730 -41.79 -10.84 -15.28
N GLU A 731 -42.32 -9.68 -15.66
CA GLU A 731 -41.56 -8.70 -16.49
C GLU A 731 -40.61 -7.93 -15.57
N HIS A 732 -39.34 -7.91 -15.94
CA HIS A 732 -38.26 -7.25 -15.17
C HIS A 732 -38.66 -5.79 -14.86
N GLU A 733 -39.19 -5.06 -15.84
CA GLU A 733 -39.52 -3.62 -15.66
C GLU A 733 -40.62 -3.48 -14.59
N LYS A 734 -41.53 -4.45 -14.50
CA LYS A 734 -42.64 -4.40 -13.50
C LYS A 734 -42.13 -4.85 -12.12
N GLN A 735 -41.14 -5.72 -12.05
CA GLN A 735 -40.48 -6.06 -10.76
C GLN A 735 -39.80 -4.79 -10.23
N VAL A 736 -39.13 -4.04 -11.10
CA VAL A 736 -38.48 -2.76 -10.69
C VAL A 736 -39.57 -1.76 -10.28
N ALA A 737 -40.65 -1.62 -11.04
CA ALA A 737 -41.77 -0.70 -10.65
C ALA A 737 -42.32 -1.09 -9.27
N PHE A 738 -42.44 -2.39 -8.97
CA PHE A 738 -42.96 -2.83 -7.65
C PHE A 738 -42.01 -2.35 -6.54
N ILE A 739 -40.71 -2.53 -6.68
CA ILE A 739 -39.75 -2.15 -5.59
C ILE A 739 -39.70 -0.63 -5.48
N LYS A 740 -40.03 0.08 -6.56
CA LYS A 740 -39.97 1.58 -6.58
C LYS A 740 -41.04 2.15 -5.63
N THR A 741 -42.08 1.38 -5.31
CA THR A 741 -43.20 1.84 -4.44
C THR A 741 -42.81 1.62 -2.97
N ASN A 742 -41.71 0.95 -2.68
CA ASN A 742 -41.39 0.60 -1.27
C ASN A 742 -41.10 1.85 -0.43
N GLU A 743 -41.69 1.92 0.77
CA GLU A 743 -41.55 3.06 1.72
C GLU A 743 -40.11 3.08 2.27
N ASN A 744 -39.38 1.98 2.22
CA ASN A 744 -38.00 1.90 2.75
C ASN A 744 -37.02 2.17 1.60
N GLN A 745 -36.44 3.37 1.57
CA GLN A 745 -35.61 3.84 0.43
C GLN A 745 -34.38 2.97 0.25
N GLU A 746 -33.70 2.62 1.34
CA GLU A 746 -32.48 1.81 1.27
C GLU A 746 -32.85 0.37 0.87
N LEU A 747 -33.98 -0.15 1.34
CA LEU A 747 -34.48 -1.49 0.93
C LEU A 747 -34.72 -1.44 -0.58
N GLN A 748 -35.25 -0.35 -1.11
CA GLN A 748 -35.41 -0.22 -2.59
C GLN A 748 -34.07 -0.46 -3.28
N ASN A 749 -33.02 0.19 -2.79
CA ASN A 749 -31.69 0.17 -3.44
C ASN A 749 -31.12 -1.24 -3.33
N SER A 750 -31.31 -1.91 -2.20
CA SER A 750 -30.83 -3.31 -2.04
C SER A 750 -31.57 -4.23 -3.01
N LEU A 751 -32.89 -4.13 -3.08
CA LEU A 751 -33.69 -4.97 -4.02
C LEU A 751 -33.30 -4.62 -5.46
N PHE A 752 -33.05 -3.35 -5.74
CA PHE A 752 -32.64 -2.90 -7.09
C PHE A 752 -31.30 -3.55 -7.48
N GLU A 753 -30.33 -3.66 -6.58
CA GLU A 753 -29.04 -4.32 -6.87
C GLU A 753 -29.31 -5.76 -7.33
N LEU A 754 -30.16 -6.50 -6.62
CA LEU A 754 -30.49 -7.90 -6.99
C LEU A 754 -31.17 -7.93 -8.35
N LEU A 755 -32.11 -7.03 -8.59
CA LEU A 755 -32.83 -7.03 -9.87
C LEU A 755 -31.85 -6.69 -10.99
N TYR A 756 -30.92 -5.75 -10.74
CA TYR A 756 -29.97 -5.33 -11.78
C TYR A 756 -29.08 -6.52 -12.15
N SER A 757 -28.57 -7.24 -11.15
CA SER A 757 -27.74 -8.45 -11.35
C SER A 757 -28.56 -9.55 -12.05
N GLY A 758 -29.87 -9.67 -11.76
CA GLY A 758 -30.74 -10.69 -12.36
C GLY A 758 -31.39 -10.26 -13.68
N LYS A 759 -31.01 -9.14 -14.29
CA LYS A 759 -31.69 -8.57 -15.49
C LYS A 759 -31.43 -9.45 -16.72
#